data_5YE9
#
_entry.id   5YE9
#
_cell.length_a   115.091
_cell.length_b   83.612
_cell.length_c   96.601
_cell.angle_alpha   90.000
_cell.angle_beta   114.900
_cell.angle_gamma   90.000
#
_symmetry.space_group_name_H-M   'C 1 2 1'
#
loop_
_entity.id
_entity.type
_entity.pdbx_description
1 polymer 'Platelet-activating factor acetylhydrolase'
2 non-polymer N-[4-[(3-cyano-4-naphthalen-2-yloxy-phenyl)sulfamoyl]phenyl]ethanamide
3 non-polymer 'SULFATE ION'
4 water water
#
_entity_poly.entity_id   1
_entity_poly.type   'polypeptide(L)'
_entity_poly.pdbx_seq_one_letter_code
;GPLGSAAASFGQTKIPRGNGPYSVGCTDLMFDHTNKGTFLRLYYPSQDNDRLDTLWIPNKEYFWGLSKFLGTHWLMGNIL
RLLFGSMTTPANWNSPLRPGEKYPLVVFSHGLGAFRTLYSAIGIDLASHGFIVAAVEHRDRSASATYYFKDQSAAEIGDK
SWLYLRTLKQEEETHIRNEQVRQRAKECSQALSLILDIDHGKPVKNALDLKFDMEQLKDSIDREKIAVIGHSFGGATVIQ
TLSEDQRFRCGIALDAWMFPLGDEVYSRIPQPLFFINSEYFQYPANIIKMKKCYSPDKERKMITIRGSVHQNFADFTFAT
GKIIGHMLKLKGDIDSNVAIDLSNKASLAFLQKHLGLHKDFDQWDCLIEGDDENLIPGTNINTTNQHI
;
_entity_poly.pdbx_strand_id   A,B
#
loop_
_chem_comp.id
_chem_comp.type
_chem_comp.name
_chem_comp.formula
8U6 non-polymer N-[4-[(3-cyano-4-naphthalen-2-yloxy-phenyl)sulfamoyl]phenyl]ethanamide 'C25 H19 N3 O4 S'
SO4 non-polymer 'SULFATE ION' 'O4 S -2'
#
# COMPACT_ATOMS: atom_id res chain seq x y z
N LYS A 14 -32.80 -12.97 14.46
CA LYS A 14 -33.50 -11.71 14.20
C LYS A 14 -32.53 -10.66 13.64
N ILE A 15 -31.37 -11.12 13.18
CA ILE A 15 -30.45 -10.26 12.44
C ILE A 15 -31.03 -10.07 11.03
N PRO A 16 -31.12 -8.81 10.56
CA PRO A 16 -31.81 -8.56 9.29
C PRO A 16 -31.03 -9.06 8.07
N ARG A 17 -31.75 -9.59 7.09
CA ARG A 17 -31.13 -9.99 5.83
C ARG A 17 -30.59 -8.76 5.10
N GLY A 18 -29.59 -8.99 4.26
CA GLY A 18 -29.06 -7.92 3.44
C GLY A 18 -30.13 -7.38 2.53
N ASN A 19 -30.14 -6.07 2.31
CA ASN A 19 -31.16 -5.48 1.46
C ASN A 19 -30.75 -5.36 0.01
N GLY A 20 -29.50 -5.71 -0.28
CA GLY A 20 -29.04 -5.70 -1.66
C GLY A 20 -29.55 -6.87 -2.47
N PRO A 21 -29.28 -6.86 -3.78
CA PRO A 21 -29.77 -7.88 -4.71
C PRO A 21 -28.95 -9.18 -4.73
N TYR A 22 -27.74 -9.16 -4.16
CA TYR A 22 -26.89 -10.36 -4.15
C TYR A 22 -27.24 -11.25 -2.98
N SER A 23 -27.24 -12.56 -3.21
CA SER A 23 -27.34 -13.49 -2.10
C SER A 23 -25.97 -13.53 -1.41
N VAL A 24 -25.96 -13.83 -0.11
CA VAL A 24 -24.76 -13.68 0.69
C VAL A 24 -24.25 -15.00 1.26
N GLY A 25 -22.96 -15.23 1.08
CA GLY A 25 -22.31 -16.39 1.61
C GLY A 25 -21.40 -15.97 2.75
N CYS A 26 -20.97 -16.94 3.53
CA CYS A 26 -20.09 -16.68 4.65
C CYS A 26 -19.14 -17.85 4.87
N THR A 27 -17.87 -17.55 5.17
CA THR A 27 -16.95 -18.60 5.59
C THR A 27 -15.92 -18.00 6.56
N ASP A 28 -15.09 -18.86 7.14
CA ASP A 28 -14.01 -18.42 8.01
C ASP A 28 -12.66 -18.80 7.43
N LEU A 29 -11.67 -17.96 7.66
CA LEU A 29 -10.30 -18.21 7.20
C LEU A 29 -9.31 -17.93 8.32
N MET A 30 -8.49 -18.92 8.65
CA MET A 30 -7.36 -18.71 9.54
C MET A 30 -6.08 -19.13 8.83
N PHE A 31 -5.14 -18.20 8.68
CA PHE A 31 -3.85 -18.50 8.10
C PHE A 31 -2.80 -17.42 8.44
N ASP A 32 -1.64 -17.81 8.94
CA ASP A 32 -1.36 -19.19 9.36
C ASP A 32 -2.10 -19.52 10.67
N HIS A 33 -1.73 -20.63 11.29
CA HIS A 33 -2.45 -21.18 12.44
C HIS A 33 -2.02 -20.57 13.78
N THR A 34 -1.02 -19.70 13.77
CA THR A 34 -0.51 -19.13 15.02
C THR A 34 -1.30 -17.90 15.44
N ASN A 35 -1.01 -17.33 16.62
CA ASN A 35 -1.77 -16.15 17.03
C ASN A 35 -1.21 -14.90 16.35
N LYS A 36 -0.20 -15.09 15.50
CA LYS A 36 0.33 -14.00 14.66
C LYS A 36 -0.21 -14.05 13.23
N GLY A 37 -0.92 -15.13 12.91
CA GLY A 37 -1.59 -15.25 11.63
C GLY A 37 -2.86 -14.41 11.57
N THR A 38 -3.57 -14.52 10.46
CA THR A 38 -4.80 -13.79 10.23
C THR A 38 -5.99 -14.68 10.50
N PHE A 39 -6.98 -14.16 11.22
CA PHE A 39 -8.22 -14.87 11.47
C PHE A 39 -9.34 -13.93 11.04
N LEU A 40 -10.13 -14.32 10.05
CA LEU A 40 -11.24 -13.48 9.63
C LEU A 40 -12.48 -14.30 9.26
N ARG A 41 -13.65 -13.66 9.36
CA ARG A 41 -14.87 -14.19 8.80
C ARG A 41 -15.14 -13.42 7.51
N LEU A 42 -15.42 -14.15 6.44
CA LEU A 42 -15.64 -13.50 5.15
C LEU A 42 -17.14 -13.48 4.80
N TYR A 43 -17.70 -12.33 4.46
CA TYR A 43 -19.04 -12.29 3.85
C TYR A 43 -18.87 -11.91 2.39
N TYR A 44 -19.61 -12.55 1.49
CA TYR A 44 -19.37 -12.37 0.07
C TYR A 44 -20.61 -12.64 -0.76
N PRO A 45 -20.68 -12.05 -1.96
CA PRO A 45 -21.78 -12.37 -2.89
C PRO A 45 -21.72 -13.84 -3.29
N SER A 46 -22.80 -14.58 -3.11
CA SER A 46 -22.74 -16.03 -3.27
C SER A 46 -23.58 -16.50 -4.45
N GLN A 47 -23.28 -17.70 -4.94
CA GLN A 47 -23.97 -18.25 -6.11
C GLN A 47 -25.31 -18.85 -5.70
N LEU A 52 -29.69 -20.07 4.58
CA LEU A 52 -29.15 -19.04 5.47
C LEU A 52 -28.85 -19.61 6.86
N ASP A 53 -27.76 -20.37 6.95
CA ASP A 53 -27.55 -21.30 8.06
C ASP A 53 -26.29 -21.06 8.89
N THR A 54 -25.64 -19.91 8.69
CA THR A 54 -24.42 -19.61 9.42
C THR A 54 -24.66 -19.42 10.93
N LEU A 55 -23.94 -20.18 11.75
CA LEU A 55 -23.97 -19.98 13.20
C LEU A 55 -23.43 -18.61 13.57
N TRP A 56 -24.20 -17.85 14.34
CA TRP A 56 -23.82 -16.50 14.71
C TRP A 56 -22.60 -16.45 15.66
N ILE A 57 -22.67 -17.20 16.76
CA ILE A 57 -21.56 -17.27 17.69
C ILE A 57 -21.16 -18.74 17.84
N PRO A 58 -20.09 -19.14 17.15
CA PRO A 58 -19.86 -20.56 16.86
C PRO A 58 -19.21 -21.41 17.97
N ASN A 59 -18.69 -20.81 19.03
CA ASN A 59 -18.04 -21.62 20.07
C ASN A 59 -18.40 -21.16 21.48
N LYS A 60 -18.44 -22.11 22.41
CA LYS A 60 -18.83 -21.80 23.78
C LYS A 60 -17.91 -20.76 24.43
N GLU A 61 -16.63 -20.77 24.05
CA GLU A 61 -15.64 -19.90 24.67
C GLU A 61 -15.90 -18.41 24.43
N TYR A 62 -16.59 -18.11 23.34
CA TYR A 62 -16.96 -16.73 23.05
C TYR A 62 -17.95 -16.23 24.10
N PHE A 63 -18.84 -17.11 24.54
CA PHE A 63 -19.81 -16.74 25.56
C PHE A 63 -19.13 -16.58 26.91
N TRP A 64 -18.15 -17.44 27.19
CA TRP A 64 -17.40 -17.33 28.44
C TRP A 64 -16.66 -15.99 28.41
N GLY A 65 -16.08 -15.69 27.27
CA GLY A 65 -15.37 -14.43 27.10
C GLY A 65 -16.29 -13.23 27.26
N LEU A 66 -17.49 -13.32 26.68
CA LEU A 66 -18.45 -12.23 26.83
C LEU A 66 -18.81 -12.04 28.29
N SER A 67 -18.95 -13.14 29.02
CA SER A 67 -19.27 -13.06 30.43
C SER A 67 -18.17 -12.33 31.23
N LYS A 68 -16.91 -12.67 30.94
CA LYS A 68 -15.78 -11.95 31.53
C LYS A 68 -15.81 -10.46 31.21
N PHE A 69 -16.07 -10.14 29.94
CA PHE A 69 -16.14 -8.75 29.48
C PHE A 69 -17.20 -7.95 30.23
N LEU A 70 -18.36 -8.57 30.47
CA LEU A 70 -19.48 -7.90 31.13
C LEU A 70 -19.30 -7.81 32.64
N GLY A 71 -18.32 -8.53 33.17
CA GLY A 71 -18.04 -8.48 34.60
C GLY A 71 -18.90 -9.43 35.41
N THR A 72 -19.21 -10.59 34.83
CA THR A 72 -20.00 -11.60 35.53
C THR A 72 -19.21 -12.91 35.60
N HIS A 73 -19.77 -13.91 36.26
CA HIS A 73 -19.01 -15.13 36.57
C HIS A 73 -19.21 -16.26 35.56
N TRP A 74 -18.94 -17.48 36.02
CA TRP A 74 -19.02 -18.67 35.19
C TRP A 74 -20.43 -18.93 34.69
N LEU A 75 -21.41 -18.78 35.59
CA LEU A 75 -22.78 -19.13 35.28
C LEU A 75 -23.37 -18.28 34.14
N MET A 76 -23.05 -16.99 34.13
CA MET A 76 -23.58 -16.10 33.10
C MET A 76 -23.16 -16.55 31.71
N GLY A 77 -21.92 -17.00 31.58
CA GLY A 77 -21.41 -17.54 30.33
C GLY A 77 -22.29 -18.64 29.78
N ASN A 78 -22.66 -19.58 30.64
CA ASN A 78 -23.51 -20.69 30.22
C ASN A 78 -24.91 -20.25 29.88
N ILE A 79 -25.40 -19.23 30.59
CA ILE A 79 -26.72 -18.69 30.34
C ILE A 79 -26.79 -18.07 28.94
N LEU A 80 -25.77 -17.31 28.57
CA LEU A 80 -25.73 -16.68 27.25
C LEU A 80 -25.65 -17.75 26.17
N ARG A 81 -24.94 -18.83 26.50
CA ARG A 81 -24.78 -19.92 25.56
C ARG A 81 -26.11 -20.60 25.29
N LEU A 82 -26.86 -20.86 26.35
CA LEU A 82 -28.17 -21.49 26.21
C LEU A 82 -29.13 -20.62 25.41
N LEU A 83 -29.03 -19.31 25.62
CA LEU A 83 -29.91 -18.37 24.98
C LEU A 83 -29.59 -18.18 23.50
N PHE A 84 -28.31 -18.01 23.18
CA PHE A 84 -27.93 -17.55 21.83
C PHE A 84 -27.09 -18.55 21.07
N GLY A 85 -26.80 -19.69 21.70
CA GLY A 85 -25.85 -20.65 21.15
C GLY A 85 -26.22 -21.35 19.85
N SER A 86 -27.49 -21.37 19.49
CA SER A 86 -27.88 -22.00 18.24
C SER A 86 -28.42 -20.98 17.25
N MET A 87 -28.31 -19.69 17.60
CA MET A 87 -28.85 -18.64 16.77
C MET A 87 -28.01 -18.49 15.50
N THR A 88 -28.69 -18.25 14.38
CA THR A 88 -27.99 -18.07 13.12
C THR A 88 -27.98 -16.62 12.64
N THR A 89 -27.22 -16.40 11.57
CA THR A 89 -27.23 -15.11 10.89
C THR A 89 -27.44 -15.34 9.39
N PRO A 90 -28.19 -14.45 8.71
CA PRO A 90 -28.68 -14.72 7.34
C PRO A 90 -27.62 -14.70 6.25
N ALA A 91 -26.71 -15.68 6.31
CA ALA A 91 -25.74 -15.89 5.24
C ALA A 91 -25.58 -17.38 5.00
N ASN A 92 -25.39 -17.75 3.74
CA ASN A 92 -25.26 -19.17 3.37
C ASN A 92 -23.85 -19.69 3.65
N TRP A 93 -23.73 -20.58 4.64
CA TRP A 93 -22.42 -21.04 5.11
C TRP A 93 -21.66 -21.85 4.05
N ASN A 94 -20.45 -21.40 3.70
CA ASN A 94 -19.59 -22.00 2.69
C ASN A 94 -20.18 -22.06 1.28
N SER A 95 -21.16 -21.21 1.00
CA SER A 95 -21.73 -21.17 -0.34
C SER A 95 -20.68 -20.66 -1.32
N PRO A 96 -20.70 -21.17 -2.56
CA PRO A 96 -19.70 -20.73 -3.54
C PRO A 96 -19.72 -19.21 -3.78
N LEU A 97 -18.56 -18.63 -4.03
CA LEU A 97 -18.47 -17.22 -4.39
C LEU A 97 -19.14 -17.01 -5.75
N ARG A 98 -19.93 -15.94 -5.87
CA ARG A 98 -20.56 -15.64 -7.14
C ARG A 98 -19.49 -15.32 -8.18
N PRO A 99 -19.44 -16.08 -9.29
CA PRO A 99 -18.34 -15.84 -10.23
C PRO A 99 -18.64 -14.68 -11.17
N GLY A 100 -17.68 -14.35 -12.03
CA GLY A 100 -17.92 -13.45 -13.14
C GLY A 100 -17.55 -11.98 -12.99
N GLU A 101 -17.28 -11.52 -11.77
CA GLU A 101 -16.97 -10.11 -11.58
C GLU A 101 -16.03 -9.86 -10.40
N LYS A 102 -15.31 -8.75 -10.45
CA LYS A 102 -14.36 -8.40 -9.40
C LYS A 102 -15.04 -7.50 -8.37
N TYR A 103 -14.86 -7.81 -7.10
CA TYR A 103 -15.59 -7.12 -6.04
C TYR A 103 -14.71 -6.15 -5.26
N PRO A 104 -15.27 -4.99 -4.88
CA PRO A 104 -14.57 -4.14 -3.91
C PRO A 104 -14.50 -4.85 -2.57
N LEU A 105 -13.49 -4.50 -1.78
CA LEU A 105 -13.20 -5.19 -0.55
C LEU A 105 -13.29 -4.27 0.66
N VAL A 106 -13.98 -4.72 1.69
CA VAL A 106 -13.98 -4.02 2.96
C VAL A 106 -13.31 -4.90 4.01
N VAL A 107 -12.37 -4.33 4.73
CA VAL A 107 -11.81 -5.00 5.91
C VAL A 107 -12.53 -4.39 7.09
N PHE A 108 -13.06 -5.22 8.00
CA PHE A 108 -13.85 -4.69 9.09
C PHE A 108 -13.23 -5.01 10.46
N SER A 109 -13.14 -4.00 11.33
CA SER A 109 -12.55 -4.14 12.66
C SER A 109 -13.58 -4.02 13.80
N HIS A 110 -13.63 -5.02 14.69
CA HIS A 110 -14.62 -5.08 15.77
C HIS A 110 -14.24 -4.24 16.98
N GLY A 111 -15.21 -3.95 17.85
CA GLY A 111 -14.96 -3.13 19.03
C GLY A 111 -14.38 -3.95 20.18
N LEU A 112 -14.11 -3.27 21.29
CA LEU A 112 -13.58 -3.92 22.49
C LEU A 112 -14.59 -4.93 23.02
N GLY A 113 -14.14 -6.14 23.33
CA GLY A 113 -15.03 -7.14 23.89
C GLY A 113 -15.84 -7.86 22.83
N ALA A 114 -15.71 -7.45 21.56
CA ALA A 114 -16.39 -8.17 20.49
C ALA A 114 -15.45 -9.22 19.88
N PHE A 115 -15.83 -9.70 18.69
CA PHE A 115 -15.03 -10.65 17.92
C PHE A 115 -15.63 -10.67 16.51
N ARG A 116 -15.12 -11.54 15.64
CA ARG A 116 -15.35 -11.37 14.21
C ARG A 116 -16.80 -11.53 13.74
N THR A 117 -17.63 -12.22 14.52
CA THR A 117 -18.97 -12.57 14.03
C THR A 117 -20.09 -11.62 14.48
N LEU A 118 -19.75 -10.61 15.27
CA LEU A 118 -20.77 -9.79 15.93
C LEU A 118 -21.23 -8.58 15.13
N TYR A 119 -20.72 -8.44 13.91
CA TYR A 119 -21.13 -7.33 13.06
C TYR A 119 -21.65 -7.84 11.73
N SER A 120 -22.42 -8.92 11.78
CA SER A 120 -22.88 -9.57 10.58
C SER A 120 -24.01 -8.77 9.93
N ALA A 121 -24.77 -7.99 10.71
CA ALA A 121 -25.81 -7.16 10.12
C ALA A 121 -25.19 -6.20 9.09
N ILE A 122 -24.05 -5.60 9.46
CA ILE A 122 -23.29 -4.75 8.56
C ILE A 122 -22.58 -5.54 7.45
N GLY A 123 -21.87 -6.61 7.84
CA GLY A 123 -21.13 -7.41 6.87
C GLY A 123 -22.04 -7.99 5.79
N ILE A 124 -23.18 -8.51 6.21
CA ILE A 124 -24.10 -9.16 5.28
C ILE A 124 -24.77 -8.15 4.35
N ASP A 125 -25.08 -6.97 4.87
CA ASP A 125 -25.69 -5.96 4.04
C ASP A 125 -24.71 -5.47 2.97
N LEU A 126 -23.44 -5.25 3.35
CA LEU A 126 -22.44 -4.87 2.36
C LEU A 126 -22.26 -5.97 1.30
N ALA A 127 -22.14 -7.22 1.75
CA ALA A 127 -22.03 -8.33 0.80
C ALA A 127 -23.22 -8.38 -0.17
N SER A 128 -24.42 -8.11 0.33
CA SER A 128 -25.62 -8.18 -0.51
C SER A 128 -25.62 -7.07 -1.56
N HIS A 129 -24.74 -6.09 -1.38
CA HIS A 129 -24.62 -5.01 -2.36
C HIS A 129 -23.39 -5.19 -3.24
N GLY A 130 -22.72 -6.32 -3.13
CA GLY A 130 -21.64 -6.65 -4.05
C GLY A 130 -20.23 -6.42 -3.51
N PHE A 131 -20.10 -6.38 -2.19
CA PHE A 131 -18.80 -6.29 -1.55
C PHE A 131 -18.34 -7.64 -1.05
N ILE A 132 -17.03 -7.85 -1.04
CA ILE A 132 -16.46 -8.87 -0.18
C ILE A 132 -16.04 -8.20 1.11
N VAL A 133 -16.45 -8.76 2.26
CA VAL A 133 -16.15 -8.19 3.56
C VAL A 133 -15.30 -9.15 4.39
N ALA A 134 -14.13 -8.68 4.82
CA ALA A 134 -13.27 -9.47 5.68
C ALA A 134 -13.35 -8.91 7.11
N ALA A 135 -14.10 -9.59 7.97
CA ALA A 135 -14.21 -9.18 9.38
C ALA A 135 -13.11 -9.86 10.19
N VAL A 136 -12.11 -9.11 10.61
CA VAL A 136 -10.94 -9.71 11.24
C VAL A 136 -11.26 -10.02 12.69
N GLU A 137 -10.60 -11.03 13.23
CA GLU A 137 -10.66 -11.26 14.66
C GLU A 137 -9.32 -10.84 15.22
N HIS A 138 -9.32 -9.85 16.11
CA HIS A 138 -8.07 -9.31 16.59
C HIS A 138 -7.50 -10.20 17.70
N ARG A 139 -6.18 -10.31 17.71
CA ARG A 139 -5.45 -11.07 18.71
C ARG A 139 -4.69 -10.11 19.64
N ASP A 140 -5.13 -8.85 19.68
CA ASP A 140 -4.50 -7.86 20.54
C ASP A 140 -4.99 -7.97 22.01
N ARG A 141 -5.77 -9.01 22.28
CA ARG A 141 -6.41 -9.26 23.59
C ARG A 141 -7.53 -8.26 23.88
N SER A 142 -8.07 -7.65 22.81
CA SER A 142 -9.25 -6.80 22.94
C SER A 142 -10.52 -7.58 22.61
N ALA A 143 -10.39 -8.72 21.95
CA ALA A 143 -11.56 -9.57 21.71
C ALA A 143 -11.98 -10.25 23.02
N SER A 144 -13.28 -10.45 23.23
CA SER A 144 -13.75 -11.19 24.41
C SER A 144 -13.03 -12.53 24.48
N ALA A 145 -12.92 -13.16 23.32
CA ALA A 145 -12.20 -14.39 23.16
C ALA A 145 -11.75 -14.50 21.72
N THR A 146 -10.66 -15.25 21.51
CA THR A 146 -10.28 -15.69 20.18
C THR A 146 -9.41 -16.91 20.38
N TYR A 147 -9.04 -17.58 19.28
CA TYR A 147 -8.19 -18.74 19.43
C TYR A 147 -7.19 -18.87 18.31
N TYR A 148 -6.24 -19.77 18.52
CA TYR A 148 -5.20 -20.10 17.55
C TYR A 148 -4.82 -21.55 17.82
N PHE A 149 -3.87 -22.08 17.05
CA PHE A 149 -3.41 -23.43 17.27
C PHE A 149 -1.93 -23.39 17.57
N LYS A 150 -1.48 -24.20 18.54
CA LYS A 150 -0.08 -24.15 18.94
C LYS A 150 0.85 -24.79 17.90
N ASP A 151 0.31 -25.67 17.08
CA ASP A 151 1.06 -26.22 15.96
C ASP A 151 0.13 -26.87 14.95
N GLN A 152 0.69 -27.42 13.88
CA GLN A 152 -0.15 -27.99 12.83
C GLN A 152 -0.92 -29.20 13.34
N SER A 153 -0.29 -29.98 14.21
CA SER A 153 -0.93 -31.15 14.82
C SER A 153 -2.20 -30.76 15.57
N ALA A 154 -2.12 -29.68 16.33
CA ALA A 154 -3.28 -29.18 17.06
C ALA A 154 -4.36 -28.73 16.08
N ALA A 155 -3.96 -28.05 15.02
CA ALA A 155 -4.91 -27.57 14.03
C ALA A 155 -5.65 -28.74 13.38
N GLU A 156 -4.93 -29.84 13.15
CA GLU A 156 -5.47 -31.01 12.47
C GLU A 156 -6.54 -31.75 13.27
N ILE A 157 -6.50 -31.67 14.60
CA ILE A 157 -7.55 -32.28 15.42
C ILE A 157 -8.45 -31.23 16.07
N GLY A 158 -8.29 -29.97 15.65
CA GLY A 158 -9.16 -28.91 16.12
C GLY A 158 -8.96 -28.58 17.58
N ASP A 159 -7.73 -28.79 18.05
CA ASP A 159 -7.35 -28.51 19.44
C ASP A 159 -7.00 -27.03 19.65
N LYS A 160 -8.00 -26.23 20.01
CA LYS A 160 -7.87 -24.77 20.05
C LYS A 160 -7.18 -24.30 21.33
N SER A 161 -6.40 -23.23 21.21
CA SER A 161 -5.84 -22.49 22.34
C SER A 161 -6.52 -21.14 22.40
N TRP A 162 -7.24 -20.89 23.49
CA TRP A 162 -8.04 -19.68 23.61
C TRP A 162 -7.29 -18.56 24.32
N LEU A 163 -7.51 -17.34 23.83
CA LEU A 163 -6.99 -16.12 24.45
C LEU A 163 -8.17 -15.26 24.84
N TYR A 164 -8.30 -14.93 26.12
CA TYR A 164 -9.41 -14.08 26.52
C TYR A 164 -9.02 -12.61 26.66
N LEU A 165 -10.02 -11.74 26.65
CA LEU A 165 -9.83 -10.31 26.84
C LEU A 165 -8.95 -10.03 28.06
N ARG A 166 -7.98 -9.13 27.91
CA ARG A 166 -7.20 -8.62 29.03
C ARG A 166 -7.92 -7.44 29.66
N THR A 167 -8.06 -7.45 30.99
CA THR A 167 -8.53 -6.27 31.68
C THR A 167 -7.30 -5.48 32.14
N LEU A 168 -7.37 -4.16 32.06
CA LEU A 168 -6.22 -3.30 32.34
C LEU A 168 -6.37 -2.47 33.61
N LYS A 169 -5.27 -2.24 34.30
CA LYS A 169 -5.21 -1.26 35.37
C LYS A 169 -5.28 0.14 34.75
N GLN A 170 -5.83 1.08 35.50
CA GLN A 170 -6.07 2.44 35.01
C GLN A 170 -4.79 3.12 34.54
N GLU A 171 -3.70 2.92 35.29
CA GLU A 171 -2.41 3.50 34.97
C GLU A 171 -1.84 2.96 33.65
N GLU A 172 -2.33 1.78 33.25
CA GLU A 172 -1.85 1.09 32.06
C GLU A 172 -2.55 1.51 30.78
N GLU A 173 -3.77 2.02 30.94
CA GLU A 173 -4.72 2.17 29.82
C GLU A 173 -4.18 2.91 28.62
N THR A 174 -3.66 4.11 28.85
CA THR A 174 -3.15 4.94 27.78
C THR A 174 -2.13 4.20 26.92
N HIS A 175 -1.15 3.59 27.57
CA HIS A 175 -0.07 2.93 26.83
C HIS A 175 -0.56 1.68 26.10
N ILE A 176 -1.31 0.83 26.82
CA ILE A 176 -1.67 -0.45 26.26
C ILE A 176 -2.71 -0.30 25.14
N ARG A 177 -3.69 0.59 25.32
CA ARG A 177 -4.68 0.80 24.27
C ARG A 177 -4.01 1.30 22.99
N ASN A 178 -2.97 2.12 23.11
CA ASN A 178 -2.28 2.57 21.90
C ASN A 178 -1.48 1.44 21.25
N GLU A 179 -0.83 0.62 22.05
CA GLU A 179 -0.12 -0.53 21.48
C GLU A 179 -1.11 -1.50 20.82
N GLN A 180 -2.28 -1.65 21.41
CA GLN A 180 -3.30 -2.53 20.85
C GLN A 180 -3.81 -2.00 19.52
N VAL A 181 -4.05 -0.69 19.42
CA VAL A 181 -4.58 -0.14 18.17
C VAL A 181 -3.51 -0.26 17.06
N ARG A 182 -2.24 -0.22 17.44
CA ARG A 182 -1.18 -0.43 16.45
C ARG A 182 -1.17 -1.89 16.01
N GLN A 183 -1.31 -2.82 16.97
CA GLN A 183 -1.44 -4.23 16.60
C GLN A 183 -2.68 -4.44 15.74
N ARG A 184 -3.77 -3.74 16.06
CA ARG A 184 -4.98 -3.89 15.27
C ARG A 184 -4.79 -3.40 13.84
N ALA A 185 -4.09 -2.29 13.68
CA ALA A 185 -3.86 -1.80 12.35
C ALA A 185 -2.97 -2.76 11.58
N LYS A 186 -2.02 -3.38 12.28
CA LYS A 186 -1.15 -4.36 11.63
C LYS A 186 -1.97 -5.57 11.17
N GLU A 187 -2.92 -5.99 11.98
CA GLU A 187 -3.78 -7.11 11.60
C GLU A 187 -4.74 -6.79 10.44
N CYS A 188 -5.24 -5.55 10.36
CA CYS A 188 -6.02 -5.16 9.19
C CYS A 188 -5.16 -5.18 7.92
N SER A 189 -3.93 -4.65 7.99
CA SER A 189 -3.02 -4.69 6.84
C SER A 189 -2.63 -6.10 6.45
N GLN A 190 -2.34 -6.93 7.46
CA GLN A 190 -2.00 -8.32 7.19
C GLN A 190 -3.16 -9.08 6.55
N ALA A 191 -4.36 -8.79 7.00
CA ALA A 191 -5.55 -9.40 6.42
C ALA A 191 -5.71 -8.98 4.96
N LEU A 192 -5.51 -7.69 4.69
CA LEU A 192 -5.53 -7.19 3.32
C LEU A 192 -4.47 -7.89 2.47
N SER A 193 -3.25 -7.99 2.97
CA SER A 193 -2.16 -8.61 2.23
C SER A 193 -2.49 -10.07 1.90
N LEU A 194 -3.00 -10.81 2.87
CA LEU A 194 -3.41 -12.18 2.65
C LEU A 194 -4.46 -12.28 1.53
N ILE A 195 -5.49 -11.45 1.60
CA ILE A 195 -6.56 -11.52 0.59
C ILE A 195 -6.03 -11.14 -0.78
N LEU A 196 -5.18 -10.12 -0.85
CA LEU A 196 -4.62 -9.71 -2.13
C LEU A 196 -3.69 -10.81 -2.70
N ASP A 197 -3.02 -11.54 -1.82
CA ASP A 197 -2.15 -12.63 -2.27
C ASP A 197 -2.96 -13.81 -2.79
N ILE A 198 -4.08 -14.09 -2.14
CA ILE A 198 -4.99 -15.13 -2.60
C ILE A 198 -5.58 -14.72 -3.94
N ASP A 199 -5.91 -13.44 -4.06
CA ASP A 199 -6.43 -12.89 -5.30
C ASP A 199 -5.47 -13.14 -6.47
N HIS A 200 -4.17 -13.12 -6.18
CA HIS A 200 -3.17 -13.36 -7.22
C HIS A 200 -2.68 -14.81 -7.24
N GLY A 201 -3.44 -15.70 -6.59
CA GLY A 201 -3.20 -17.12 -6.71
C GLY A 201 -2.26 -17.74 -5.68
N LYS A 202 -2.03 -17.08 -4.55
CA LYS A 202 -1.17 -17.68 -3.54
C LYS A 202 -1.89 -18.86 -2.89
N PRO A 203 -1.23 -20.02 -2.82
CA PRO A 203 -1.90 -21.15 -2.18
C PRO A 203 -1.95 -20.95 -0.66
N VAL A 204 -3.13 -21.09 -0.07
CA VAL A 204 -3.23 -21.03 1.38
C VAL A 204 -3.90 -22.29 1.91
N LYS A 205 -3.41 -22.74 3.06
CA LYS A 205 -4.01 -23.88 3.71
C LYS A 205 -4.78 -23.35 4.91
N ASN A 206 -6.09 -23.26 4.77
CA ASN A 206 -6.96 -22.81 5.86
C ASN A 206 -6.75 -23.69 7.09
N ALA A 207 -6.36 -23.11 8.22
CA ALA A 207 -6.12 -23.89 9.45
C ALA A 207 -7.42 -24.50 9.92
N LEU A 208 -8.53 -23.84 9.62
CA LEU A 208 -9.84 -24.46 9.78
C LEU A 208 -10.03 -25.34 8.54
N ASP A 209 -10.66 -26.48 8.68
CA ASP A 209 -10.79 -27.33 7.51
C ASP A 209 -12.20 -27.24 6.93
N LEU A 210 -12.53 -26.10 6.35
CA LEU A 210 -13.90 -25.86 5.89
C LEU A 210 -14.11 -26.22 4.41
N LYS A 211 -15.35 -26.51 4.04
CA LYS A 211 -15.69 -26.91 2.67
C LYS A 211 -15.87 -25.71 1.74
N PHE A 212 -14.94 -24.77 1.81
CA PHE A 212 -14.90 -23.61 0.93
C PHE A 212 -13.47 -23.49 0.39
N ASP A 213 -13.31 -23.57 -0.92
CA ASP A 213 -11.98 -23.49 -1.49
C ASP A 213 -11.57 -22.04 -1.72
N MET A 214 -10.50 -21.62 -1.06
CA MET A 214 -10.02 -20.25 -1.16
C MET A 214 -9.52 -19.88 -2.55
N GLU A 215 -9.27 -20.87 -3.40
CA GLU A 215 -8.85 -20.63 -4.78
C GLU A 215 -9.97 -19.92 -5.57
N GLN A 216 -11.19 -19.99 -5.06
CA GLN A 216 -12.32 -19.24 -5.61
C GLN A 216 -12.05 -17.75 -5.67
N LEU A 217 -11.26 -17.27 -4.72
CA LEU A 217 -11.02 -15.84 -4.59
C LEU A 217 -9.96 -15.32 -5.58
N LYS A 218 -9.28 -16.20 -6.29
CA LYS A 218 -8.32 -15.78 -7.31
C LYS A 218 -8.99 -14.87 -8.33
N ASP A 219 -8.37 -13.71 -8.58
CA ASP A 219 -8.89 -12.73 -9.53
C ASP A 219 -10.34 -12.29 -9.23
N SER A 220 -10.69 -12.21 -7.95
CA SER A 220 -12.05 -11.84 -7.56
C SER A 220 -12.13 -10.50 -6.85
N ILE A 221 -10.96 -9.90 -6.61
CA ILE A 221 -10.88 -8.63 -5.88
C ILE A 221 -10.55 -7.46 -6.81
N ASP A 222 -11.29 -6.37 -6.66
CA ASP A 222 -10.94 -5.12 -7.33
C ASP A 222 -9.89 -4.43 -6.48
N ARG A 223 -8.63 -4.63 -6.84
CA ARG A 223 -7.51 -4.27 -5.98
C ARG A 223 -7.36 -2.77 -5.77
N GLU A 224 -8.05 -1.96 -6.56
CA GLU A 224 -8.02 -0.50 -6.39
C GLU A 224 -9.15 0.01 -5.51
N LYS A 225 -10.04 -0.89 -5.08
CA LYS A 225 -11.24 -0.47 -4.35
C LYS A 225 -11.29 -1.17 -3.01
N ILE A 226 -10.43 -0.72 -2.11
CA ILE A 226 -10.29 -1.26 -0.78
C ILE A 226 -10.67 -0.22 0.26
N ALA A 227 -11.52 -0.60 1.22
CA ALA A 227 -11.92 0.27 2.31
C ALA A 227 -11.77 -0.45 3.66
N VAL A 228 -11.62 0.34 4.72
CA VAL A 228 -11.57 -0.21 6.06
C VAL A 228 -12.72 0.43 6.84
N ILE A 229 -13.46 -0.40 7.58
CA ILE A 229 -14.60 0.04 8.37
C ILE A 229 -14.48 -0.59 9.75
N GLY A 230 -14.92 0.10 10.79
CA GLY A 230 -14.79 -0.47 12.12
C GLY A 230 -15.63 0.27 13.11
N HIS A 231 -16.01 -0.44 14.18
CA HIS A 231 -16.86 0.11 15.22
C HIS A 231 -16.10 0.27 16.53
N SER A 232 -16.22 1.45 17.14
CA SER A 232 -15.75 1.69 18.52
C SER A 232 -14.21 1.62 18.55
N PHE A 233 -13.62 0.68 19.30
CA PHE A 233 -12.18 0.41 19.17
C PHE A 233 -11.82 0.22 17.68
N GLY A 234 -12.69 -0.44 16.93
CA GLY A 234 -12.48 -0.64 15.50
C GLY A 234 -12.49 0.65 14.71
N GLY A 235 -13.19 1.66 15.23
CA GLY A 235 -13.22 2.96 14.61
C GLY A 235 -11.88 3.67 14.74
N ALA A 236 -11.27 3.56 15.92
CA ALA A 236 -9.89 4.02 16.07
C ALA A 236 -8.95 3.23 15.16
N THR A 237 -9.26 1.95 14.98
CA THR A 237 -8.42 1.09 14.15
C THR A 237 -8.48 1.53 12.69
N VAL A 238 -9.66 1.99 12.24
CA VAL A 238 -9.80 2.55 10.91
C VAL A 238 -8.79 3.68 10.71
N ILE A 239 -8.79 4.61 11.65
CA ILE A 239 -7.89 5.76 11.54
C ILE A 239 -6.42 5.34 11.59
N GLN A 240 -6.04 4.45 12.50
CA GLN A 240 -4.64 4.01 12.56
C GLN A 240 -4.27 3.26 11.29
N THR A 241 -5.20 2.45 10.78
CA THR A 241 -4.92 1.67 9.57
C THR A 241 -4.74 2.57 8.36
N LEU A 242 -5.62 3.56 8.22
CA LEU A 242 -5.52 4.50 7.09
C LEU A 242 -4.17 5.18 7.11
N SER A 243 -3.78 5.64 8.30
CA SER A 243 -2.54 6.38 8.46
C SER A 243 -1.32 5.52 8.11
N GLU A 244 -1.41 4.22 8.38
CA GLU A 244 -0.27 3.34 8.16
C GLU A 244 -0.27 2.66 6.78
N ASP A 245 -1.44 2.54 6.15
CA ASP A 245 -1.54 1.68 4.97
C ASP A 245 -2.24 2.40 3.82
N GLN A 246 -1.43 2.91 2.90
CA GLN A 246 -1.93 3.68 1.77
C GLN A 246 -2.72 2.82 0.77
N ARG A 247 -2.76 1.51 0.94
CA ARG A 247 -3.56 0.67 0.03
C ARG A 247 -5.05 0.86 0.29
N PHE A 248 -5.42 1.21 1.51
CA PHE A 248 -6.80 1.51 1.82
C PHE A 248 -7.16 2.86 1.23
N ARG A 249 -8.26 2.92 0.49
CA ARG A 249 -8.63 4.10 -0.27
C ARG A 249 -9.53 5.04 0.55
N CYS A 250 -10.32 4.47 1.47
CA CYS A 250 -11.11 5.32 2.36
C CYS A 250 -11.52 4.53 3.59
N GLY A 251 -12.10 5.23 4.55
CA GLY A 251 -12.41 4.64 5.83
C GLY A 251 -13.73 5.15 6.36
N ILE A 252 -14.42 4.27 7.07
CA ILE A 252 -15.65 4.65 7.74
C ILE A 252 -15.53 4.20 9.19
N ALA A 253 -15.59 5.17 10.09
CA ALA A 253 -15.45 4.89 11.52
C ALA A 253 -16.84 4.97 12.15
N LEU A 254 -17.34 3.84 12.63
CA LEU A 254 -18.63 3.77 13.27
C LEU A 254 -18.48 4.01 14.75
N ASP A 255 -18.96 5.14 15.23
CA ASP A 255 -18.85 5.49 16.65
C ASP A 255 -17.45 5.24 17.19
N ALA A 256 -16.45 5.85 16.56
CA ALA A 256 -15.06 5.60 16.93
C ALA A 256 -14.80 6.03 18.37
N TRP A 257 -14.07 5.19 19.08
CA TRP A 257 -13.56 5.51 20.39
C TRP A 257 -12.13 5.98 20.19
N MET A 258 -11.89 7.28 20.35
CA MET A 258 -10.67 7.88 19.82
C MET A 258 -9.50 7.78 20.81
N PHE A 259 -9.81 7.43 22.04
CA PHE A 259 -8.81 7.34 23.12
C PHE A 259 -7.51 6.58 22.77
N PRO A 260 -7.60 5.43 22.08
CA PRO A 260 -6.33 4.70 21.83
C PRO A 260 -5.32 5.41 20.91
N LEU A 261 -5.76 6.40 20.14
CA LEU A 261 -4.88 6.99 19.13
C LEU A 261 -3.89 7.96 19.73
N GLY A 262 -2.67 7.97 19.17
CA GLY A 262 -1.67 8.96 19.54
C GLY A 262 -1.96 10.28 18.89
N ASP A 263 -1.55 11.38 19.53
CA ASP A 263 -1.81 12.73 19.03
C ASP A 263 -1.25 12.95 17.60
N GLU A 264 -0.22 12.22 17.25
CA GLU A 264 0.46 12.41 15.97
C GLU A 264 -0.34 11.93 14.75
N VAL A 265 -1.29 11.03 14.98
CA VAL A 265 -1.96 10.39 13.86
C VAL A 265 -3.04 11.27 13.22
N TYR A 266 -3.62 12.21 13.97
CA TYR A 266 -4.82 12.89 13.48
C TYR A 266 -4.57 13.66 12.20
N SER A 267 -3.38 14.21 12.06
CA SER A 267 -3.03 14.99 10.88
C SER A 267 -2.36 14.14 9.82
N ARG A 268 -2.40 12.81 9.98
CA ARG A 268 -1.68 11.93 9.05
C ARG A 268 -2.63 10.91 8.44
N ILE A 269 -3.79 11.41 8.01
CA ILE A 269 -4.79 10.58 7.37
C ILE A 269 -5.11 11.17 5.99
N PRO A 270 -4.40 10.71 4.94
CA PRO A 270 -4.66 11.27 3.61
C PRO A 270 -6.04 10.91 3.04
N GLN A 271 -6.53 9.72 3.37
CA GLN A 271 -7.72 9.18 2.69
C GLN A 271 -9.01 9.78 3.22
N PRO A 272 -10.05 9.82 2.37
CA PRO A 272 -11.38 10.25 2.83
C PRO A 272 -11.83 9.41 4.01
N LEU A 273 -12.49 10.06 4.96
CA LEU A 273 -12.88 9.43 6.20
C LEU A 273 -14.29 9.88 6.55
N PHE A 274 -15.13 8.91 6.91
CA PHE A 274 -16.52 9.14 7.28
C PHE A 274 -16.74 8.70 8.74
N PHE A 275 -17.17 9.63 9.59
CA PHE A 275 -17.55 9.32 10.98
C PHE A 275 -19.05 9.15 11.06
N ILE A 276 -19.51 7.96 11.41
CA ILE A 276 -20.93 7.77 11.65
C ILE A 276 -21.09 7.50 13.14
N ASN A 277 -21.71 8.44 13.84
CA ASN A 277 -21.82 8.37 15.30
C ASN A 277 -23.20 7.98 15.79
N SER A 278 -23.24 7.35 16.96
CA SER A 278 -24.51 7.29 17.69
C SER A 278 -24.66 8.58 18.47
N GLU A 279 -25.88 8.85 18.91
CA GLU A 279 -26.10 10.08 19.65
C GLU A 279 -25.58 9.97 21.08
N TYR A 280 -25.90 8.88 21.77
CA TYR A 280 -25.65 8.86 23.20
C TYR A 280 -24.25 8.41 23.59
N PHE A 281 -23.49 7.86 22.65
CA PHE A 281 -22.14 7.44 23.01
C PHE A 281 -21.20 8.63 23.14
N GLN A 282 -21.42 9.66 22.33
CA GLN A 282 -20.39 10.68 22.13
C GLN A 282 -20.26 11.69 23.27
N TYR A 283 -19.07 12.27 23.37
CA TYR A 283 -18.75 13.22 24.42
C TYR A 283 -17.63 14.11 23.88
N PRO A 284 -17.52 15.35 24.39
CA PRO A 284 -16.58 16.36 23.85
C PRO A 284 -15.14 15.86 23.66
N ALA A 285 -14.57 15.19 24.65
CA ALA A 285 -13.18 14.70 24.56
C ALA A 285 -12.99 13.84 23.33
N ASN A 286 -14.01 13.07 23.00
CA ASN A 286 -13.96 12.19 21.86
C ASN A 286 -14.18 12.97 20.55
N ILE A 287 -15.15 13.87 20.58
CA ILE A 287 -15.47 14.67 19.40
C ILE A 287 -14.30 15.59 19.03
N ILE A 288 -13.62 16.14 20.03
CA ILE A 288 -12.46 16.99 19.77
C ILE A 288 -11.41 16.25 18.94
N LYS A 289 -11.20 14.98 19.25
CA LYS A 289 -10.19 14.21 18.51
C LYS A 289 -10.64 13.93 17.08
N MET A 290 -11.92 13.62 16.87
CA MET A 290 -12.44 13.57 15.49
C MET A 290 -12.17 14.87 14.72
N LYS A 291 -12.44 16.01 15.34
CA LYS A 291 -12.26 17.29 14.64
C LYS A 291 -10.78 17.58 14.35
N LYS A 292 -9.89 16.98 15.12
CA LYS A 292 -8.46 17.15 14.86
C LYS A 292 -8.06 16.45 13.56
N CYS A 293 -8.88 15.49 13.13
CA CYS A 293 -8.62 14.80 11.88
C CYS A 293 -8.99 15.65 10.66
N TYR A 294 -9.71 16.75 10.89
CA TYR A 294 -10.21 17.59 9.79
C TYR A 294 -9.14 18.53 9.23
N SER A 295 -9.17 18.71 7.92
CA SER A 295 -8.24 19.59 7.25
C SER A 295 -8.89 20.07 5.95
N PRO A 296 -8.72 21.35 5.60
CA PRO A 296 -9.38 21.89 4.40
C PRO A 296 -9.08 21.10 3.12
N ASP A 297 -7.90 20.47 3.06
CA ASP A 297 -7.50 19.73 1.88
C ASP A 297 -7.85 18.23 1.94
N LYS A 298 -8.60 17.82 2.96
CA LYS A 298 -8.96 16.40 3.08
C LYS A 298 -10.47 16.21 3.12
N GLU A 299 -10.94 15.07 2.63
CA GLU A 299 -12.36 14.73 2.64
C GLU A 299 -12.77 14.16 3.99
N ARG A 300 -13.64 14.88 4.69
CA ARG A 300 -14.18 14.41 5.95
C ARG A 300 -15.68 14.60 5.97
N LYS A 301 -16.41 13.61 6.43
CA LYS A 301 -17.85 13.73 6.64
C LYS A 301 -18.18 13.21 8.01
N MET A 302 -19.25 13.72 8.61
CA MET A 302 -19.71 13.19 9.90
C MET A 302 -21.22 13.28 9.96
N ILE A 303 -21.87 12.24 10.47
CA ILE A 303 -23.28 12.32 10.79
C ILE A 303 -23.52 11.65 12.13
N THR A 304 -24.65 11.98 12.76
CA THR A 304 -25.05 11.33 13.98
C THR A 304 -26.47 10.77 13.81
N ILE A 305 -26.67 9.52 14.21
CA ILE A 305 -27.99 8.90 14.14
C ILE A 305 -28.75 9.26 15.42
N ARG A 306 -29.82 10.01 15.26
CA ARG A 306 -30.66 10.46 16.39
C ARG A 306 -31.22 9.29 17.17
N GLY A 307 -31.12 9.38 18.49
CA GLY A 307 -31.72 8.39 19.37
C GLY A 307 -30.91 7.10 19.49
N SER A 308 -29.78 7.02 18.80
CA SER A 308 -29.03 5.76 18.82
C SER A 308 -28.05 5.69 19.98
N VAL A 309 -27.68 4.46 20.33
CA VAL A 309 -26.70 4.20 21.37
C VAL A 309 -25.51 3.46 20.76
N HIS A 310 -24.44 3.35 21.51
CA HIS A 310 -23.21 2.74 21.02
C HIS A 310 -23.45 1.37 20.37
N GLN A 311 -24.30 0.55 20.99
CA GLN A 311 -24.48 -0.83 20.56
C GLN A 311 -25.42 -1.00 19.37
N ASN A 312 -26.00 0.09 18.90
CA ASN A 312 -26.82 0.04 17.69
C ASN A 312 -26.07 -0.48 16.46
N PHE A 313 -24.73 -0.41 16.47
CA PHE A 313 -23.96 -0.87 15.32
C PHE A 313 -23.62 -2.37 15.36
N ALA A 314 -23.80 -3.00 16.52
CA ALA A 314 -23.39 -4.39 16.71
C ALA A 314 -24.60 -5.33 16.80
N ASP A 315 -24.39 -6.61 16.53
CA ASP A 315 -25.52 -7.53 16.30
C ASP A 315 -26.40 -7.81 17.52
N PHE A 316 -25.88 -7.62 18.73
CA PHE A 316 -26.75 -7.86 19.91
C PHE A 316 -27.89 -6.85 20.05
N THR A 317 -27.85 -5.78 19.26
CA THR A 317 -29.00 -4.85 19.19
C THR A 317 -30.23 -5.55 18.54
N PHE A 318 -30.01 -6.70 17.91
CA PHE A 318 -31.11 -7.46 17.30
C PHE A 318 -31.48 -8.72 18.07
N ALA A 319 -30.72 -9.02 19.12
CA ALA A 319 -30.80 -10.32 19.78
C ALA A 319 -31.81 -10.40 20.90
N THR A 320 -32.39 -9.26 21.28
CA THR A 320 -33.37 -9.25 22.38
C THR A 320 -34.62 -8.44 22.03
N GLY A 321 -35.64 -8.55 22.88
CA GLY A 321 -36.83 -7.73 22.73
C GLY A 321 -36.56 -6.26 23.06
N LYS A 322 -37.55 -5.41 22.80
CA LYS A 322 -37.40 -3.96 22.96
C LYS A 322 -37.10 -3.54 24.41
N ILE A 323 -37.85 -4.07 25.36
CA ILE A 323 -37.76 -3.59 26.73
C ILE A 323 -36.45 -4.00 27.40
N ILE A 324 -36.12 -5.29 27.33
CA ILE A 324 -34.87 -5.77 27.88
C ILE A 324 -33.68 -5.16 27.14
N GLY A 325 -33.87 -4.85 25.85
CA GLY A 325 -32.81 -4.24 25.06
C GLY A 325 -32.45 -2.87 25.57
N HIS A 326 -33.47 -2.07 25.91
CA HIS A 326 -33.25 -0.73 26.46
C HIS A 326 -32.57 -0.81 27.82
N MET A 327 -32.96 -1.80 28.61
CA MET A 327 -32.38 -1.98 29.94
C MET A 327 -30.89 -2.30 29.86
N LEU A 328 -30.50 -3.04 28.82
CA LEU A 328 -29.12 -3.46 28.68
C LEU A 328 -28.29 -2.50 27.82
N LYS A 329 -28.92 -1.40 27.38
CA LYS A 329 -28.32 -0.42 26.49
C LYS A 329 -27.91 -1.07 25.16
N LEU A 330 -28.67 -2.07 24.75
CA LEU A 330 -28.45 -2.71 23.46
C LEU A 330 -29.28 -2.00 22.38
N LYS A 331 -30.36 -1.36 22.82
CA LYS A 331 -31.26 -0.61 21.94
C LYS A 331 -31.37 0.84 22.41
N GLY A 332 -31.50 1.77 21.46
CA GLY A 332 -31.76 3.17 21.79
C GLY A 332 -33.21 3.54 21.61
N ASP A 333 -33.49 4.83 21.50
CA ASP A 333 -34.85 5.31 21.31
C ASP A 333 -35.33 5.02 19.88
N ILE A 334 -34.36 4.94 18.98
CA ILE A 334 -34.62 4.62 17.57
C ILE A 334 -34.72 3.11 17.38
N ASP A 335 -35.48 2.67 16.38
CA ASP A 335 -35.61 1.24 16.09
C ASP A 335 -34.30 0.68 15.52
N SER A 336 -33.91 -0.52 15.95
CA SER A 336 -32.60 -1.06 15.58
C SER A 336 -32.44 -1.29 14.06
N ASN A 337 -33.51 -1.69 13.39
CA ASN A 337 -33.44 -1.80 11.93
C ASN A 337 -33.33 -0.46 11.19
N VAL A 338 -34.07 0.53 11.67
CA VAL A 338 -34.01 1.86 11.08
C VAL A 338 -32.60 2.44 11.21
N ALA A 339 -31.99 2.24 12.38
CA ALA A 339 -30.66 2.77 12.65
C ALA A 339 -29.58 2.08 11.80
N ILE A 340 -29.63 0.76 11.67
CA ILE A 340 -28.60 0.09 10.88
C ILE A 340 -28.81 0.38 9.38
N ASP A 341 -30.08 0.53 8.95
CA ASP A 341 -30.42 0.97 7.59
C ASP A 341 -29.77 2.29 7.23
N LEU A 342 -29.92 3.28 8.10
CA LEU A 342 -29.33 4.60 7.87
C LEU A 342 -27.81 4.50 7.78
N SER A 343 -27.20 3.82 8.74
CA SER A 343 -25.75 3.64 8.73
C SER A 343 -25.24 2.93 7.47
N ASN A 344 -25.88 1.82 7.11
CA ASN A 344 -25.49 1.05 5.94
C ASN A 344 -25.64 1.83 4.64
N LYS A 345 -26.77 2.53 4.49
CA LYS A 345 -27.04 3.26 3.26
C LYS A 345 -26.09 4.45 3.12
N ALA A 346 -25.83 5.15 4.22
CA ALA A 346 -24.88 6.25 4.18
C ALA A 346 -23.48 5.70 3.88
N SER A 347 -23.17 4.54 4.43
CA SER A 347 -21.87 3.92 4.17
C SER A 347 -21.71 3.57 2.69
N LEU A 348 -22.74 2.97 2.11
CA LEU A 348 -22.71 2.64 0.68
C LEU A 348 -22.54 3.86 -0.22
N ALA A 349 -23.22 4.95 0.10
CA ALA A 349 -23.07 6.18 -0.68
C ALA A 349 -21.66 6.73 -0.58
N PHE A 350 -21.09 6.70 0.62
CA PHE A 350 -19.72 7.19 0.85
C PHE A 350 -18.71 6.32 0.11
N LEU A 351 -18.88 5.00 0.19
CA LEU A 351 -18.00 4.08 -0.53
C LEU A 351 -18.12 4.29 -2.04
N GLN A 352 -19.32 4.52 -2.55
CA GLN A 352 -19.45 4.73 -4.01
C GLN A 352 -18.69 5.99 -4.41
N LYS A 353 -18.83 7.03 -3.62
CA LYS A 353 -18.20 8.31 -3.92
C LYS A 353 -16.68 8.20 -3.91
N HIS A 354 -16.11 7.45 -2.96
CA HIS A 354 -14.66 7.50 -2.80
C HIS A 354 -13.93 6.24 -3.25
N LEU A 355 -14.66 5.18 -3.59
CA LEU A 355 -14.06 4.02 -4.25
C LEU A 355 -14.31 4.08 -5.75
N GLY A 356 -15.17 5.00 -6.15
CA GLY A 356 -15.51 5.14 -7.56
C GLY A 356 -16.34 3.97 -8.04
N LEU A 357 -17.34 3.59 -7.25
CA LEU A 357 -18.17 2.45 -7.62
C LEU A 357 -19.17 2.81 -8.70
N HIS A 358 -19.51 1.82 -9.52
CA HIS A 358 -20.45 2.03 -10.62
C HIS A 358 -21.81 1.43 -10.26
N LYS A 359 -22.42 1.99 -9.23
CA LYS A 359 -23.65 1.46 -8.67
C LYS A 359 -24.64 2.61 -8.50
N ASP A 360 -25.78 2.34 -7.87
CA ASP A 360 -26.77 3.41 -7.70
C ASP A 360 -26.85 3.88 -6.25
N PHE A 361 -25.75 3.72 -5.52
CA PHE A 361 -25.73 4.06 -4.09
C PHE A 361 -25.79 5.57 -3.88
N ASP A 362 -25.53 6.33 -4.95
CA ASP A 362 -25.59 7.79 -4.86
C ASP A 362 -27.01 8.30 -4.64
N GLN A 363 -27.99 7.40 -4.75
CA GLN A 363 -29.36 7.72 -4.33
C GLN A 363 -29.42 8.06 -2.84
N TRP A 364 -28.43 7.62 -2.07
CA TRP A 364 -28.42 7.94 -0.65
C TRP A 364 -27.38 9.01 -0.32
N ASP A 365 -26.99 9.80 -1.31
CA ASP A 365 -26.00 10.86 -1.08
C ASP A 365 -26.45 11.85 0.01
N CYS A 366 -27.75 12.10 0.08
CA CYS A 366 -28.28 13.02 1.09
C CYS A 366 -27.96 12.56 2.52
N LEU A 367 -27.85 11.25 2.72
CA LEU A 367 -27.55 10.71 4.05
C LEU A 367 -26.14 11.04 4.51
N ILE A 368 -25.20 11.17 3.57
CA ILE A 368 -23.84 11.58 3.91
C ILE A 368 -23.86 12.99 4.54
N GLU A 369 -24.81 13.80 4.10
CA GLU A 369 -24.93 15.19 4.57
C GLU A 369 -25.88 15.31 5.76
N GLY A 370 -26.34 14.17 6.27
CA GLY A 370 -27.21 14.14 7.44
C GLY A 370 -28.61 14.63 7.14
N ASP A 371 -28.99 14.56 5.86
CA ASP A 371 -30.28 15.10 5.42
C ASP A 371 -31.40 14.05 5.55
N ASP A 372 -31.86 13.84 6.77
CA ASP A 372 -32.89 12.85 7.08
C ASP A 372 -33.45 13.15 8.48
N GLU A 373 -34.71 12.83 8.70
CA GLU A 373 -35.36 13.10 9.98
C GLU A 373 -34.59 12.47 11.14
N ASN A 374 -34.03 11.28 10.89
CA ASN A 374 -33.32 10.57 11.95
C ASN A 374 -31.82 10.84 11.98
N LEU A 375 -31.37 11.84 11.22
CA LEU A 375 -29.94 12.16 11.20
C LEU A 375 -29.66 13.60 11.61
N ILE A 376 -28.50 13.81 12.21
CA ILE A 376 -27.93 15.14 12.44
C ILE A 376 -26.68 15.25 11.57
N PRO A 377 -26.56 16.33 10.79
CA PRO A 377 -25.28 16.56 10.12
C PRO A 377 -24.23 16.83 11.19
N GLY A 378 -23.04 16.26 11.05
CA GLY A 378 -22.01 16.45 12.04
C GLY A 378 -22.41 15.88 13.39
N THR A 379 -22.32 16.70 14.42
CA THR A 379 -22.67 16.28 15.79
C THR A 379 -23.38 17.41 16.52
N ASN A 380 -24.23 17.09 17.51
CA ASN A 380 -24.83 18.15 18.32
C ASN A 380 -23.87 18.68 19.38
N ILE A 381 -22.78 17.94 19.62
CA ILE A 381 -21.77 18.35 20.58
C ILE A 381 -20.91 19.47 20.01
N ASN A 382 -20.64 20.49 20.81
CA ASN A 382 -19.81 21.62 20.40
C ASN A 382 -18.45 21.62 21.09
N THR A 383 -17.41 21.98 20.33
CA THR A 383 -16.05 22.07 20.88
C THR A 383 -15.35 23.31 20.35
N THR A 384 -14.29 23.73 21.01
CA THR A 384 -13.56 24.91 20.56
C THR A 384 -12.94 24.65 19.18
N ASN A 385 -12.91 25.69 18.35
CA ASN A 385 -12.22 25.64 17.07
C ASN A 385 -10.85 26.31 17.19
N GLN A 386 -10.63 26.99 18.32
CA GLN A 386 -9.38 27.67 18.58
C GLN A 386 -8.39 26.78 19.34
N THR B 13 32.22 17.30 -13.97
CA THR B 13 31.27 16.28 -14.42
C THR B 13 30.49 16.70 -15.65
N LYS B 14 30.12 15.73 -16.47
CA LYS B 14 29.31 16.00 -17.63
C LYS B 14 27.87 15.53 -17.42
N ILE B 15 27.59 14.98 -16.24
CA ILE B 15 26.20 14.66 -15.91
C ILE B 15 25.43 15.98 -15.78
N PRO B 16 24.33 16.14 -16.55
CA PRO B 16 23.68 17.45 -16.60
C PRO B 16 22.96 17.84 -15.30
N ARG B 17 23.06 19.10 -14.93
CA ARG B 17 22.27 19.64 -13.83
C ARG B 17 20.78 19.51 -14.12
N GLY B 18 19.96 19.38 -13.08
CA GLY B 18 18.52 19.29 -13.29
C GLY B 18 18.05 20.58 -13.91
N ASN B 19 17.02 20.52 -14.75
CA ASN B 19 16.57 21.72 -15.47
C ASN B 19 15.49 22.48 -14.70
N GLY B 20 14.98 21.89 -13.63
CA GLY B 20 13.87 22.46 -12.89
C GLY B 20 14.31 23.56 -11.95
N PRO B 21 13.36 24.24 -11.32
CA PRO B 21 13.64 25.40 -10.46
C PRO B 21 14.11 25.05 -9.04
N TYR B 22 13.94 23.81 -8.60
CA TYR B 22 14.40 23.40 -7.26
C TYR B 22 15.88 23.02 -7.27
N SER B 23 16.61 23.44 -6.24
CA SER B 23 17.95 22.89 -6.07
C SER B 23 17.83 21.45 -5.59
N VAL B 24 18.86 20.65 -5.85
CA VAL B 24 18.75 19.21 -5.61
C VAL B 24 19.74 18.74 -4.57
N GLY B 25 19.25 17.95 -3.62
CA GLY B 25 20.12 17.32 -2.66
C GLY B 25 20.13 15.82 -2.89
N CYS B 26 21.09 15.17 -2.25
CA CYS B 26 21.22 13.73 -2.39
C CYS B 26 21.74 13.11 -1.09
N THR B 27 21.21 11.96 -0.70
CA THR B 27 21.77 11.23 0.42
C THR B 27 21.49 9.74 0.22
N ASP B 28 22.05 8.88 1.08
CA ASP B 28 21.80 7.46 0.99
C ASP B 28 21.11 6.98 2.24
N LEU B 29 20.26 5.96 2.07
CA LEU B 29 19.49 5.40 3.17
C LEU B 29 19.52 3.88 3.11
N MET B 30 19.95 3.24 4.18
CA MET B 30 19.87 1.79 4.27
C MET B 30 19.18 1.41 5.56
N PHE B 31 18.06 0.69 5.44
CA PHE B 31 17.29 0.21 6.58
C PHE B 31 16.38 -0.95 6.19
N ASP B 32 16.45 -2.07 6.92
CA ASP B 32 17.43 -2.27 7.99
C ASP B 32 18.81 -2.57 7.39
N HIS B 33 19.75 -2.99 8.23
CA HIS B 33 21.13 -3.12 7.78
C HIS B 33 21.42 -4.42 7.02
N THR B 34 20.44 -5.33 6.96
CA THR B 34 20.67 -6.69 6.45
C THR B 34 20.50 -6.82 4.94
N ASN B 35 20.82 -7.99 4.41
CA ASN B 35 20.66 -8.24 2.98
C ASN B 35 19.20 -8.19 2.55
N LYS B 36 18.30 -8.24 3.52
CA LYS B 36 16.88 -8.18 3.24
C LYS B 36 16.28 -6.78 3.44
N GLY B 37 17.11 -5.85 3.90
CA GLY B 37 16.66 -4.49 4.12
C GLY B 37 16.61 -3.69 2.83
N THR B 38 16.25 -2.42 2.94
CA THR B 38 16.18 -1.51 1.80
C THR B 38 17.45 -0.65 1.73
N PHE B 39 17.97 -0.49 0.52
CA PHE B 39 19.10 0.37 0.27
C PHE B 39 18.69 1.28 -0.87
N LEU B 40 18.73 2.58 -0.68
CA LEU B 40 18.39 3.47 -1.78
C LEU B 40 19.20 4.74 -1.72
N ARG B 41 19.32 5.38 -2.88
CA ARG B 41 19.83 6.73 -2.95
C ARG B 41 18.65 7.67 -3.14
N LEU B 42 18.60 8.70 -2.32
CA LEU B 42 17.53 9.68 -2.38
C LEU B 42 17.99 10.95 -3.08
N TYR B 43 17.24 11.39 -4.10
CA TYR B 43 17.41 12.73 -4.67
C TYR B 43 16.16 13.53 -4.28
N TYR B 44 16.34 14.77 -3.88
CA TYR B 44 15.22 15.52 -3.31
C TYR B 44 15.39 17.02 -3.46
N PRO B 45 14.28 17.79 -3.36
CA PRO B 45 14.44 19.23 -3.44
C PRO B 45 15.16 19.73 -2.18
N SER B 46 16.24 20.47 -2.35
CA SER B 46 17.01 20.86 -1.18
C SER B 46 16.73 22.31 -0.84
N GLN B 47 16.92 22.64 0.43
CA GLN B 47 16.67 24.00 0.92
C GLN B 47 17.74 24.92 0.40
N ASP B 48 18.98 24.44 0.42
CA ASP B 48 20.13 25.25 0.06
C ASP B 48 20.86 24.65 -1.14
N ASN B 49 21.59 25.47 -1.86
CA ASN B 49 22.33 25.01 -3.03
C ASN B 49 23.81 25.37 -2.89
N ASP B 50 24.48 24.81 -1.89
CA ASP B 50 25.83 25.23 -1.51
C ASP B 50 26.97 24.66 -2.37
N ARG B 51 26.89 23.39 -2.75
CA ARG B 51 28.02 22.70 -3.38
C ARG B 51 27.52 21.48 -4.15
N LEU B 52 27.95 21.31 -5.40
CA LEU B 52 27.52 20.13 -6.17
C LEU B 52 28.57 19.05 -6.03
N ASP B 53 28.56 18.39 -4.87
CA ASP B 53 29.70 17.58 -4.45
C ASP B 53 29.39 16.09 -4.22
N THR B 54 28.22 15.63 -4.65
CA THR B 54 27.88 14.22 -4.48
C THR B 54 28.78 13.33 -5.34
N LEU B 55 29.37 12.31 -4.72
CA LEU B 55 30.25 11.38 -5.43
C LEU B 55 29.40 10.44 -6.29
N TRP B 56 29.71 10.36 -7.57
CA TRP B 56 28.90 9.58 -8.51
C TRP B 56 28.92 8.08 -8.20
N ILE B 57 30.12 7.53 -8.07
CA ILE B 57 30.32 6.12 -7.80
C ILE B 57 31.15 6.02 -6.52
N PRO B 58 30.48 5.78 -5.39
CA PRO B 58 31.09 6.05 -4.09
C PRO B 58 32.06 5.01 -3.50
N ASN B 59 32.20 3.80 -4.08
CA ASN B 59 33.13 2.79 -3.52
C ASN B 59 33.87 2.05 -4.62
N LYS B 60 35.10 1.63 -4.33
CA LYS B 60 35.91 0.93 -5.32
C LYS B 60 35.25 -0.37 -5.81
N GLU B 61 34.49 -1.02 -4.93
CA GLU B 61 33.89 -2.30 -5.27
C GLU B 61 32.87 -2.18 -6.41
N TYR B 62 32.26 -1.01 -6.58
CA TYR B 62 31.35 -0.87 -7.72
C TYR B 62 32.13 -0.94 -9.03
N PHE B 63 33.38 -0.46 -9.02
CA PHE B 63 34.22 -0.53 -10.22
C PHE B 63 34.63 -1.96 -10.50
N TRP B 64 34.96 -2.72 -9.45
CA TRP B 64 35.26 -4.14 -9.63
C TRP B 64 34.04 -4.90 -10.17
N GLY B 65 32.86 -4.57 -9.66
CA GLY B 65 31.63 -5.15 -10.15
C GLY B 65 31.35 -4.87 -11.62
N LEU B 66 31.54 -3.63 -12.03
CA LEU B 66 31.32 -3.26 -13.43
C LEU B 66 32.27 -4.02 -14.34
N SER B 67 33.53 -4.13 -13.92
CA SER B 67 34.53 -4.87 -14.68
C SER B 67 34.05 -6.31 -14.89
N LYS B 68 33.51 -6.92 -13.83
CA LYS B 68 32.97 -8.26 -13.94
C LYS B 68 31.79 -8.33 -14.92
N PHE B 69 30.87 -7.38 -14.78
CA PHE B 69 29.73 -7.28 -15.69
C PHE B 69 30.20 -7.16 -17.14
N LEU B 70 31.24 -6.34 -17.35
CA LEU B 70 31.71 -6.08 -18.70
C LEU B 70 32.44 -7.27 -19.28
N GLY B 71 32.81 -8.22 -18.42
CA GLY B 71 33.59 -9.38 -18.84
C GLY B 71 35.06 -9.04 -19.00
N THR B 72 35.54 -8.11 -18.20
CA THR B 72 36.86 -7.51 -18.42
C THR B 72 37.89 -7.99 -17.41
N HIS B 73 39.16 -7.97 -17.81
CA HIS B 73 40.26 -8.25 -16.90
C HIS B 73 40.28 -7.22 -15.78
N TRP B 74 40.66 -7.64 -14.58
CA TRP B 74 40.62 -6.79 -13.39
C TRP B 74 41.34 -5.44 -13.53
N LEU B 75 42.25 -5.35 -14.50
CA LEU B 75 42.89 -4.07 -14.84
C LEU B 75 41.83 -3.03 -15.18
N MET B 76 40.78 -3.46 -15.85
CA MET B 76 39.69 -2.56 -16.24
C MET B 76 39.01 -1.96 -15.03
N GLY B 77 38.91 -2.74 -13.96
CA GLY B 77 38.32 -2.25 -12.72
C GLY B 77 39.10 -1.07 -12.22
N ASN B 78 40.42 -1.19 -12.23
CA ASN B 78 41.26 -0.12 -11.74
C ASN B 78 41.36 1.07 -12.69
N ILE B 79 41.24 0.83 -13.99
CA ILE B 79 41.20 1.92 -14.95
C ILE B 79 39.92 2.76 -14.78
N LEU B 80 38.77 2.10 -14.65
CA LEU B 80 37.51 2.79 -14.38
C LEU B 80 37.60 3.63 -13.11
N ARG B 81 38.15 3.03 -12.07
CA ARG B 81 38.29 3.72 -10.79
C ARG B 81 39.20 4.94 -10.94
N LEU B 82 40.31 4.79 -11.68
CA LEU B 82 41.23 5.89 -11.91
C LEU B 82 40.55 7.02 -12.69
N LEU B 83 39.70 6.65 -13.63
CA LEU B 83 39.02 7.63 -14.47
C LEU B 83 37.82 8.29 -13.79
N PHE B 84 37.06 7.54 -13.00
CA PHE B 84 35.77 8.03 -12.55
C PHE B 84 35.58 8.02 -11.05
N GLY B 85 36.60 7.58 -10.32
CA GLY B 85 36.48 7.42 -8.87
C GLY B 85 36.25 8.71 -8.08
N SER B 86 36.58 9.86 -8.65
CA SER B 86 36.39 11.11 -7.93
C SER B 86 35.36 12.00 -8.64
N MET B 87 34.72 11.47 -9.68
CA MET B 87 33.74 12.22 -10.45
C MET B 87 32.51 12.51 -9.61
N THR B 88 32.00 13.73 -9.72
CA THR B 88 30.80 14.10 -9.01
C THR B 88 29.57 14.02 -9.91
N THR B 89 28.41 14.10 -9.27
CA THR B 89 27.15 14.27 -9.97
C THR B 89 26.51 15.49 -9.30
N PRO B 90 25.79 16.31 -10.07
CA PRO B 90 25.42 17.65 -9.59
C PRO B 90 24.23 17.68 -8.62
N ALA B 91 24.51 17.25 -7.40
CA ALA B 91 23.54 17.31 -6.32
C ALA B 91 24.29 17.67 -5.05
N ASN B 92 23.63 18.40 -4.15
CA ASN B 92 24.18 18.78 -2.86
C ASN B 92 24.16 17.60 -1.88
N TRP B 93 25.31 17.03 -1.59
CA TRP B 93 25.38 15.87 -0.69
C TRP B 93 24.92 16.22 0.72
N ASN B 94 23.86 15.53 1.17
CA ASN B 94 23.32 15.64 2.52
C ASN B 94 22.72 17.00 2.87
N SER B 95 22.39 17.78 1.84
CA SER B 95 21.78 19.08 2.05
C SER B 95 20.41 18.90 2.68
N PRO B 96 20.01 19.81 3.57
CA PRO B 96 18.67 19.75 4.16
C PRO B 96 17.56 19.72 3.12
N LEU B 97 16.54 18.92 3.37
CA LEU B 97 15.35 18.89 2.53
C LEU B 97 14.62 20.24 2.56
N ARG B 98 14.12 20.68 1.41
CA ARG B 98 13.34 21.90 1.34
C ARG B 98 12.02 21.71 2.07
N PRO B 99 11.79 22.48 3.15
CA PRO B 99 10.59 22.28 3.96
C PRO B 99 9.36 22.96 3.35
N GLY B 100 8.18 22.72 3.92
CA GLY B 100 6.99 23.48 3.60
C GLY B 100 6.11 22.99 2.47
N GLU B 101 6.45 21.83 1.90
CA GLU B 101 5.68 21.30 0.79
C GLU B 101 5.72 19.76 0.83
N LYS B 102 4.63 19.13 0.42
CA LYS B 102 4.61 17.68 0.28
C LYS B 102 4.97 17.32 -1.17
N TYR B 103 5.96 16.45 -1.34
CA TYR B 103 6.48 16.12 -2.66
C TYR B 103 5.95 14.79 -3.19
N PRO B 104 5.63 14.75 -4.48
CA PRO B 104 5.33 13.47 -5.12
C PRO B 104 6.58 12.60 -5.09
N LEU B 105 6.38 11.30 -5.06
CA LEU B 105 7.48 10.37 -4.88
C LEU B 105 7.65 9.42 -6.06
N VAL B 106 8.89 9.28 -6.52
CA VAL B 106 9.25 8.30 -7.53
C VAL B 106 10.19 7.25 -6.95
N VAL B 107 9.85 5.97 -7.15
CA VAL B 107 10.77 4.88 -6.84
C VAL B 107 11.37 4.45 -8.19
N PHE B 108 12.70 4.37 -8.27
CA PHE B 108 13.40 4.09 -9.52
C PHE B 108 14.22 2.81 -9.46
N SER B 109 14.07 1.97 -10.48
CA SER B 109 14.72 0.67 -10.51
C SER B 109 15.74 0.58 -11.64
N HIS B 110 16.97 0.26 -11.27
CA HIS B 110 18.10 0.21 -12.22
C HIS B 110 18.14 -1.06 -13.08
N GLY B 111 18.91 -1.00 -14.17
CA GLY B 111 19.01 -2.15 -15.06
C GLY B 111 20.02 -3.17 -14.57
N LEU B 112 20.18 -4.23 -15.36
CA LEU B 112 21.16 -5.28 -15.09
C LEU B 112 22.57 -4.72 -15.12
N GLY B 113 23.35 -4.99 -14.07
CA GLY B 113 24.74 -4.60 -14.03
C GLY B 113 24.93 -3.16 -13.58
N ALA B 114 23.81 -2.48 -13.32
CA ALA B 114 23.87 -1.14 -12.76
C ALA B 114 23.81 -1.22 -11.23
N PHE B 115 23.54 -0.08 -10.62
CA PHE B 115 23.34 0.03 -9.18
C PHE B 115 22.72 1.40 -8.96
N ARG B 116 22.56 1.81 -7.71
CA ARG B 116 21.61 2.88 -7.39
C ARG B 116 22.03 4.27 -7.85
N THR B 117 23.32 4.46 -8.15
CA THR B 117 23.84 5.79 -8.38
C THR B 117 23.95 6.14 -9.87
N LEU B 118 23.70 5.17 -10.73
CA LEU B 118 23.96 5.32 -12.16
C LEU B 118 22.84 5.96 -12.98
N TYR B 119 21.80 6.43 -12.31
CA TYR B 119 20.71 7.07 -13.04
C TYR B 119 20.48 8.45 -12.45
N SER B 120 21.57 9.13 -12.13
CA SER B 120 21.45 10.41 -11.46
C SER B 120 20.98 11.51 -12.40
N ALA B 121 21.27 11.40 -13.70
CA ALA B 121 20.76 12.39 -14.67
C ALA B 121 19.24 12.46 -14.58
N ILE B 122 18.60 11.30 -14.51
CA ILE B 122 17.16 11.22 -14.37
C ILE B 122 16.70 11.66 -12.98
N GLY B 123 17.34 11.12 -11.95
CA GLY B 123 16.95 11.37 -10.58
C GLY B 123 17.06 12.84 -10.23
N ILE B 124 18.17 13.46 -10.66
CA ILE B 124 18.39 14.87 -10.37
C ILE B 124 17.42 15.76 -11.14
N ASP B 125 17.14 15.42 -12.38
CA ASP B 125 16.19 16.26 -13.11
C ASP B 125 14.79 16.17 -12.49
N LEU B 126 14.38 14.96 -12.09
CA LEU B 126 13.10 14.80 -11.43
C LEU B 126 13.04 15.64 -10.15
N ALA B 127 14.06 15.48 -9.31
CA ALA B 127 14.11 16.22 -8.05
C ALA B 127 14.11 17.73 -8.27
N SER B 128 14.78 18.20 -9.32
CA SER B 128 14.84 19.62 -9.62
C SER B 128 13.46 20.16 -10.01
N HIS B 129 12.54 19.25 -10.31
CA HIS B 129 11.16 19.62 -10.62
C HIS B 129 10.20 19.38 -9.47
N GLY B 130 10.74 19.05 -8.30
CA GLY B 130 9.93 18.97 -7.10
C GLY B 130 9.51 17.55 -6.73
N PHE B 131 10.23 16.55 -7.23
CA PHE B 131 10.02 15.16 -6.80
C PHE B 131 11.02 14.71 -5.74
N ILE B 132 10.60 13.80 -4.88
CA ILE B 132 11.56 13.01 -4.17
C ILE B 132 11.71 11.71 -4.96
N VAL B 133 12.96 11.33 -5.19
CA VAL B 133 13.27 10.15 -5.97
C VAL B 133 14.06 9.18 -5.12
N ALA B 134 13.56 7.95 -5.01
CA ALA B 134 14.26 6.91 -4.28
C ALA B 134 14.77 5.89 -5.27
N ALA B 135 16.06 5.95 -5.59
CA ALA B 135 16.64 4.99 -6.50
C ALA B 135 17.15 3.79 -5.70
N VAL B 136 16.47 2.66 -5.84
CA VAL B 136 16.78 1.49 -5.02
C VAL B 136 18.02 0.77 -5.50
N GLU B 137 18.74 0.15 -4.58
CA GLU B 137 19.80 -0.77 -5.00
C GLU B 137 19.30 -2.20 -4.76
N HIS B 138 19.19 -2.95 -5.85
CA HIS B 138 18.63 -4.29 -5.75
C HIS B 138 19.64 -5.29 -5.21
N ARG B 139 19.14 -6.21 -4.39
CA ARG B 139 20.00 -7.23 -3.80
C ARG B 139 19.70 -8.60 -4.44
N ASP B 140 19.21 -8.59 -5.68
CA ASP B 140 18.88 -9.85 -6.37
C ASP B 140 20.07 -10.41 -7.15
N ARG B 141 21.24 -9.83 -6.93
CA ARG B 141 22.47 -10.09 -7.72
C ARG B 141 22.30 -9.68 -9.19
N SER B 142 21.40 -8.75 -9.48
CA SER B 142 21.36 -8.13 -10.79
C SER B 142 22.20 -6.85 -10.82
N ALA B 143 22.52 -6.31 -9.65
CA ALA B 143 23.43 -5.15 -9.61
C ALA B 143 24.85 -5.62 -9.85
N SER B 144 25.70 -4.79 -10.46
CA SER B 144 27.12 -5.13 -10.59
C SER B 144 27.72 -5.44 -9.23
N ALA B 145 27.36 -4.62 -8.26
CA ALA B 145 27.79 -4.79 -6.88
C ALA B 145 26.76 -4.10 -6.02
N THR B 146 26.61 -4.58 -4.78
CA THR B 146 25.87 -3.89 -3.76
C THR B 146 26.43 -4.38 -2.44
N TYR B 147 26.05 -3.76 -1.33
CA TYR B 147 26.47 -4.30 -0.06
C TYR B 147 25.39 -4.21 0.99
N TYR B 148 25.68 -4.89 2.10
CA TYR B 148 24.81 -4.91 3.26
C TYR B 148 25.69 -5.19 4.47
N PHE B 149 25.06 -5.33 5.64
CA PHE B 149 25.81 -5.63 6.85
C PHE B 149 25.31 -6.89 7.53
N LYS B 150 26.22 -7.73 8.01
CA LYS B 150 25.84 -8.99 8.62
C LYS B 150 25.29 -8.84 10.04
N ASP B 151 25.56 -7.68 10.67
CA ASP B 151 24.95 -7.36 11.96
C ASP B 151 25.11 -5.87 12.26
N GLN B 152 24.54 -5.42 13.37
CA GLN B 152 24.51 -4.00 13.67
C GLN B 152 25.92 -3.45 13.96
N SER B 153 26.76 -4.27 14.60
CA SER B 153 28.12 -3.85 14.90
C SER B 153 28.92 -3.63 13.60
N ALA B 154 28.67 -4.47 12.60
CA ALA B 154 29.33 -4.30 11.30
C ALA B 154 28.88 -2.98 10.68
N ALA B 155 27.59 -2.68 10.78
CA ALA B 155 27.08 -1.43 10.24
C ALA B 155 27.76 -0.24 10.92
N GLU B 156 27.95 -0.35 12.22
CA GLU B 156 28.58 0.70 13.01
C GLU B 156 30.01 0.99 12.58
N ILE B 157 30.77 -0.03 12.22
CA ILE B 157 32.16 0.22 11.87
C ILE B 157 32.34 0.33 10.35
N GLY B 158 31.25 0.17 9.61
CA GLY B 158 31.29 0.28 8.16
C GLY B 158 31.94 -0.94 7.54
N ASP B 159 31.80 -2.10 8.22
CA ASP B 159 32.32 -3.39 7.77
C ASP B 159 31.34 -4.06 6.79
N LYS B 160 31.53 -3.76 5.51
CA LYS B 160 30.57 -4.09 4.46
C LYS B 160 30.72 -5.51 3.94
N SER B 161 29.60 -6.13 3.62
CA SER B 161 29.61 -7.42 2.93
C SER B 161 29.13 -7.16 1.51
N TRP B 162 29.98 -7.46 0.52
CA TRP B 162 29.63 -7.14 -0.85
C TRP B 162 28.99 -8.32 -1.56
N LEU B 163 27.98 -8.02 -2.38
CA LEU B 163 27.34 -9.00 -3.24
C LEU B 163 27.54 -8.57 -4.67
N TYR B 164 28.11 -9.45 -5.49
CA TYR B 164 28.37 -9.13 -6.90
C TYR B 164 27.38 -9.81 -7.85
N LEU B 165 27.27 -9.23 -9.04
CA LEU B 165 26.43 -9.76 -10.11
C LEU B 165 26.58 -11.27 -10.28
N ARG B 166 25.45 -11.95 -10.38
CA ARG B 166 25.45 -13.37 -10.66
C ARG B 166 25.32 -13.61 -12.16
N THR B 167 26.28 -14.34 -12.74
CA THR B 167 26.17 -14.68 -14.16
C THR B 167 25.38 -16.00 -14.27
N LEU B 168 24.55 -16.13 -15.30
CA LEU B 168 23.67 -17.29 -15.42
C LEU B 168 23.97 -18.18 -16.61
N LYS B 169 23.85 -19.49 -16.41
CA LYS B 169 23.84 -20.43 -17.52
C LYS B 169 22.54 -20.22 -18.29
N GLN B 170 22.55 -20.53 -19.58
CA GLN B 170 21.38 -20.31 -20.41
C GLN B 170 20.18 -21.07 -19.86
N GLU B 171 20.44 -22.27 -19.33
CA GLU B 171 19.39 -23.16 -18.83
C GLU B 171 18.60 -22.55 -17.68
N GLU B 172 19.21 -21.63 -16.96
CA GLU B 172 18.54 -21.08 -15.78
C GLU B 172 18.06 -19.64 -15.96
N GLU B 173 18.29 -19.07 -17.14
CA GLU B 173 17.88 -17.69 -17.42
C GLU B 173 16.39 -17.44 -17.18
N THR B 174 15.55 -18.32 -17.71
CA THR B 174 14.11 -18.12 -17.58
C THR B 174 13.67 -18.09 -16.12
N HIS B 175 14.03 -19.13 -15.40
CA HIS B 175 13.66 -19.27 -14.00
C HIS B 175 14.22 -18.12 -13.15
N ILE B 176 15.52 -17.91 -13.21
CA ILE B 176 16.14 -16.95 -12.31
C ILE B 176 15.80 -15.49 -12.61
N ARG B 177 15.67 -15.12 -13.89
CA ARG B 177 15.29 -13.75 -14.21
C ARG B 177 13.90 -13.46 -13.67
N ASN B 178 12.99 -14.44 -13.75
CA ASN B 178 11.67 -14.21 -13.17
C ASN B 178 11.74 -14.11 -11.64
N GLU B 179 12.56 -14.95 -11.01
CA GLU B 179 12.73 -14.84 -9.55
C GLU B 179 13.27 -13.46 -9.16
N GLN B 180 14.20 -12.97 -9.98
CA GLN B 180 14.80 -11.66 -9.76
C GLN B 180 13.80 -10.52 -9.93
N VAL B 181 12.97 -10.58 -10.98
CA VAL B 181 12.02 -9.49 -11.17
C VAL B 181 10.99 -9.50 -10.03
N ARG B 182 10.67 -10.68 -9.50
CA ARG B 182 9.75 -10.73 -8.37
C ARG B 182 10.40 -10.15 -7.11
N GLN B 183 11.67 -10.46 -6.89
CA GLN B 183 12.38 -9.87 -5.75
C GLN B 183 12.54 -8.36 -5.93
N ARG B 184 12.78 -7.92 -7.16
CA ARG B 184 12.92 -6.49 -7.41
C ARG B 184 11.63 -5.73 -7.14
N ALA B 185 10.49 -6.32 -7.51
CA ALA B 185 9.21 -5.65 -7.27
C ALA B 185 8.97 -5.54 -5.75
N LYS B 186 9.30 -6.61 -5.04
CA LYS B 186 9.23 -6.61 -3.58
C LYS B 186 10.12 -5.51 -2.99
N GLU B 187 11.30 -5.33 -3.56
CA GLU B 187 12.23 -4.30 -3.06
C GLU B 187 11.72 -2.90 -3.37
N CYS B 188 11.07 -2.72 -4.51
CA CYS B 188 10.43 -1.43 -4.80
C CYS B 188 9.30 -1.16 -3.83
N SER B 189 8.44 -2.15 -3.60
CA SER B 189 7.37 -1.98 -2.63
C SER B 189 7.90 -1.75 -1.22
N GLN B 190 8.96 -2.45 -0.86
CA GLN B 190 9.55 -2.30 0.47
C GLN B 190 10.16 -0.93 0.66
N ALA B 191 10.78 -0.41 -0.40
CA ALA B 191 11.35 0.93 -0.36
C ALA B 191 10.25 1.96 -0.18
N LEU B 192 9.15 1.77 -0.90
CA LEU B 192 8.01 2.67 -0.78
C LEU B 192 7.48 2.64 0.65
N SER B 193 7.34 1.45 1.21
CA SER B 193 6.84 1.33 2.60
C SER B 193 7.76 2.00 3.60
N LEU B 194 9.06 1.85 3.42
CA LEU B 194 10.03 2.52 4.29
C LEU B 194 9.85 4.04 4.24
N ILE B 195 9.75 4.60 3.05
CA ILE B 195 9.65 6.05 2.91
C ILE B 195 8.31 6.54 3.46
N LEU B 196 7.23 5.83 3.16
CA LEU B 196 5.93 6.18 3.72
C LEU B 196 5.89 6.03 5.25
N ASP B 197 6.56 5.02 5.80
CA ASP B 197 6.61 4.89 7.26
C ASP B 197 7.41 6.04 7.90
N ILE B 198 8.54 6.40 7.28
CA ILE B 198 9.30 7.57 7.74
C ILE B 198 8.45 8.82 7.62
N ASP B 199 7.73 8.96 6.50
CA ASP B 199 6.83 10.09 6.29
C ASP B 199 5.85 10.25 7.45
N HIS B 200 5.41 9.13 8.02
CA HIS B 200 4.45 9.20 9.11
C HIS B 200 5.08 8.90 10.48
N GLY B 201 6.38 9.10 10.59
CA GLY B 201 7.02 9.21 11.88
C GLY B 201 7.69 7.96 12.43
N LYS B 202 7.82 6.92 11.61
CA LYS B 202 8.49 5.73 12.09
C LYS B 202 9.93 6.07 12.40
N PRO B 203 10.39 5.80 13.63
CA PRO B 203 11.80 6.09 13.91
C PRO B 203 12.68 5.11 13.14
N VAL B 204 13.72 5.61 12.49
CA VAL B 204 14.61 4.73 11.76
C VAL B 204 16.06 5.11 12.05
N LYS B 205 16.90 4.10 12.21
CA LYS B 205 18.31 4.33 12.38
C LYS B 205 18.96 3.94 11.07
N ASN B 206 19.35 4.94 10.28
CA ASN B 206 20.01 4.68 9.01
C ASN B 206 21.25 3.83 9.27
N ALA B 207 21.43 2.74 8.53
CA ALA B 207 22.60 1.87 8.76
C ALA B 207 23.89 2.56 8.33
N LEU B 208 23.76 3.61 7.52
CA LEU B 208 24.87 4.45 7.12
C LEU B 208 24.92 5.69 8.00
N ASP B 209 26.12 6.05 8.46
CA ASP B 209 26.30 7.23 9.30
C ASP B 209 26.51 8.45 8.41
N LEU B 210 25.43 9.17 8.12
CA LEU B 210 25.48 10.33 7.23
C LEU B 210 24.89 11.56 7.92
N LYS B 211 25.38 12.74 7.55
CA LYS B 211 24.92 14.00 8.15
C LYS B 211 23.60 14.52 7.57
N PHE B 212 22.70 13.61 7.23
CA PHE B 212 21.33 13.96 6.83
C PHE B 212 20.40 13.28 7.82
N ASP B 213 19.68 14.06 8.61
CA ASP B 213 18.73 13.48 9.56
C ASP B 213 17.45 13.03 8.86
N MET B 214 17.14 11.74 8.96
CA MET B 214 15.97 11.21 8.27
C MET B 214 14.65 11.71 8.86
N GLU B 215 14.69 12.27 10.07
CA GLU B 215 13.49 12.91 10.64
C GLU B 215 12.91 13.98 9.73
N GLN B 216 13.76 14.61 8.92
CA GLN B 216 13.35 15.62 7.94
C GLN B 216 12.24 15.16 6.99
N LEU B 217 12.22 13.87 6.70
CA LEU B 217 11.28 13.32 5.74
C LEU B 217 9.88 13.14 6.33
N LYS B 218 9.73 13.33 7.64
CA LYS B 218 8.41 13.30 8.25
C LYS B 218 7.51 14.35 7.59
N ASP B 219 6.30 13.93 7.22
CA ASP B 219 5.31 14.81 6.61
C ASP B 219 5.82 15.50 5.34
N SER B 220 6.63 14.81 4.56
CA SER B 220 7.23 15.42 3.37
C SER B 220 6.73 14.81 2.06
N ILE B 221 5.94 13.75 2.16
CA ILE B 221 5.51 13.00 0.99
C ILE B 221 4.05 13.27 0.67
N ASP B 222 3.76 13.51 -0.61
CA ASP B 222 2.38 13.53 -1.07
C ASP B 222 2.01 12.08 -1.35
N ARG B 223 1.32 11.44 -0.41
CA ARG B 223 1.17 9.99 -0.42
C ARG B 223 0.27 9.45 -1.52
N GLU B 224 -0.51 10.32 -2.15
CA GLU B 224 -1.36 9.90 -3.27
C GLU B 224 -0.60 9.94 -4.59
N LYS B 225 0.58 10.56 -4.59
CA LYS B 225 1.24 10.86 -5.84
C LYS B 225 2.56 10.12 -5.93
N ILE B 226 2.46 8.83 -6.23
CA ILE B 226 3.56 7.89 -6.22
C ILE B 226 3.67 7.20 -7.58
N ALA B 227 4.87 7.15 -8.11
CA ALA B 227 5.12 6.49 -9.38
C ALA B 227 6.33 5.60 -9.25
N VAL B 228 6.42 4.62 -10.15
CA VAL B 228 7.60 3.79 -10.23
C VAL B 228 8.16 3.92 -11.65
N ILE B 229 9.48 4.08 -11.75
CA ILE B 229 10.15 4.29 -13.02
C ILE B 229 11.35 3.34 -13.03
N GLY B 230 11.71 2.84 -14.19
CA GLY B 230 12.88 1.98 -14.22
C GLY B 230 13.38 1.79 -15.62
N HIS B 231 14.65 1.38 -15.72
CA HIS B 231 15.31 1.20 -17.02
C HIS B 231 15.71 -0.25 -17.23
N SER B 232 15.38 -0.79 -18.40
CA SER B 232 15.84 -2.12 -18.84
C SER B 232 15.26 -3.19 -17.93
N PHE B 233 16.09 -3.91 -17.17
CA PHE B 233 15.55 -4.83 -16.15
C PHE B 233 14.60 -4.03 -15.23
N GLY B 234 14.97 -2.78 -14.96
CA GLY B 234 14.14 -1.89 -14.16
C GLY B 234 12.79 -1.59 -14.80
N GLY B 235 12.73 -1.66 -16.14
CA GLY B 235 11.48 -1.43 -16.85
C GLY B 235 10.53 -2.60 -16.63
N ALA B 236 11.07 -3.81 -16.70
CA ALA B 236 10.28 -5.00 -16.34
C ALA B 236 9.84 -4.90 -14.87
N THR B 237 10.74 -4.41 -14.03
CA THR B 237 10.42 -4.22 -12.61
C THR B 237 9.25 -3.25 -12.37
N VAL B 238 9.19 -2.16 -13.12
CA VAL B 238 8.01 -1.26 -13.12
C VAL B 238 6.72 -2.05 -13.29
N ILE B 239 6.70 -2.92 -14.28
CA ILE B 239 5.49 -3.64 -14.62
C ILE B 239 5.10 -4.67 -13.54
N GLN B 240 6.07 -5.45 -13.10
CA GLN B 240 5.85 -6.38 -11.98
C GLN B 240 5.36 -5.64 -10.74
N THR B 241 5.98 -4.49 -10.46
CA THR B 241 5.64 -3.70 -9.27
C THR B 241 4.23 -3.16 -9.36
N LEU B 242 3.87 -2.58 -10.51
CA LEU B 242 2.51 -2.08 -10.71
C LEU B 242 1.49 -3.18 -10.50
N SER B 243 1.79 -4.39 -10.97
CA SER B 243 0.79 -5.47 -10.92
C SER B 243 0.53 -5.92 -9.48
N GLU B 244 1.51 -5.71 -8.61
CA GLU B 244 1.44 -6.20 -7.24
C GLU B 244 1.02 -5.10 -6.24
N ASP B 245 1.27 -3.84 -6.57
CA ASP B 245 1.21 -2.77 -5.56
C ASP B 245 0.45 -1.55 -6.08
N GLN B 246 -0.81 -1.41 -5.68
CA GLN B 246 -1.64 -0.32 -6.19
C GLN B 246 -1.33 1.03 -5.55
N ARG B 247 -0.40 1.09 -4.61
CA ARG B 247 0.04 2.38 -4.09
C ARG B 247 0.78 3.16 -5.15
N PHE B 248 1.42 2.46 -6.09
CA PHE B 248 2.01 3.11 -7.24
C PHE B 248 0.88 3.40 -8.22
N ARG B 249 0.75 4.66 -8.60
CA ARG B 249 -0.42 5.10 -9.37
C ARG B 249 -0.15 5.18 -10.87
N CYS B 250 1.12 5.16 -11.25
CA CYS B 250 1.49 4.98 -12.66
C CYS B 250 2.93 4.55 -12.77
N GLY B 251 3.30 4.11 -13.96
CA GLY B 251 4.66 3.65 -14.16
C GLY B 251 5.23 4.17 -15.47
N ILE B 252 6.54 4.37 -15.48
CA ILE B 252 7.26 4.70 -16.70
C ILE B 252 8.38 3.68 -16.89
N ALA B 253 8.33 2.94 -18.00
CA ALA B 253 9.32 1.93 -18.28
C ALA B 253 10.24 2.44 -19.38
N LEU B 254 11.50 2.65 -19.02
CA LEU B 254 12.49 3.18 -19.95
C LEU B 254 13.20 2.03 -20.62
N ASP B 255 12.94 1.87 -21.92
CA ASP B 255 13.52 0.77 -22.69
C ASP B 255 13.43 -0.56 -21.94
N ALA B 256 12.21 -0.93 -21.55
CA ALA B 256 12.01 -2.15 -20.77
C ALA B 256 12.54 -3.40 -21.48
N TRP B 257 13.19 -4.25 -20.69
CA TRP B 257 13.54 -5.59 -21.13
C TRP B 257 12.48 -6.51 -20.56
N MET B 258 11.65 -7.07 -21.43
CA MET B 258 10.41 -7.73 -20.98
C MET B 258 10.56 -9.21 -20.65
N PHE B 259 11.70 -9.80 -21.02
CA PHE B 259 11.94 -11.23 -20.86
C PHE B 259 11.64 -11.78 -19.43
N PRO B 260 12.02 -11.04 -18.37
CA PRO B 260 11.79 -11.67 -17.04
C PRO B 260 10.33 -11.86 -16.63
N LEU B 261 9.40 -11.17 -17.28
CA LEU B 261 8.01 -11.13 -16.83
C LEU B 261 7.25 -12.39 -17.16
N GLY B 262 6.50 -12.89 -16.19
CA GLY B 262 5.59 -14.00 -16.42
C GLY B 262 4.34 -13.53 -17.13
N ASP B 263 3.65 -14.46 -17.81
CA ASP B 263 2.49 -14.13 -18.64
C ASP B 263 1.29 -13.59 -17.84
N GLU B 264 1.24 -13.90 -16.55
CA GLU B 264 0.09 -13.50 -15.73
C GLU B 264 0.07 -12.00 -15.47
N VAL B 265 1.21 -11.34 -15.66
CA VAL B 265 1.31 -9.96 -15.24
C VAL B 265 0.49 -9.04 -16.16
N TYR B 266 0.36 -9.42 -17.43
CA TYR B 266 -0.11 -8.48 -18.46
C TYR B 266 -1.56 -8.08 -18.26
N SER B 267 -2.33 -8.87 -17.52
CA SER B 267 -3.73 -8.57 -17.30
C SER B 267 -3.99 -7.92 -15.93
N ARG B 268 -2.93 -7.73 -15.15
CA ARG B 268 -3.09 -7.29 -13.76
C ARG B 268 -2.64 -5.87 -13.47
N ILE B 269 -2.52 -5.04 -14.50
CA ILE B 269 -2.00 -3.70 -14.32
C ILE B 269 -3.04 -2.66 -14.65
N PRO B 270 -3.78 -2.22 -13.65
CA PRO B 270 -4.80 -1.20 -13.93
C PRO B 270 -4.19 0.18 -14.15
N GLN B 271 -2.99 0.42 -13.61
CA GLN B 271 -2.40 1.77 -13.66
C GLN B 271 -1.93 2.19 -15.04
N PRO B 272 -1.97 3.51 -15.33
CA PRO B 272 -1.36 4.06 -16.56
C PRO B 272 0.11 3.68 -16.66
N LEU B 273 0.54 3.38 -17.88
CA LEU B 273 1.89 2.92 -18.13
C LEU B 273 2.45 3.58 -19.39
N PHE B 274 3.70 4.06 -19.29
CA PHE B 274 4.37 4.81 -20.36
C PHE B 274 5.64 4.08 -20.75
N PHE B 275 5.75 3.63 -22.01
CA PHE B 275 6.97 3.04 -22.51
C PHE B 275 7.75 4.10 -23.28
N ILE B 276 8.97 4.37 -22.85
CA ILE B 276 9.87 5.24 -23.59
C ILE B 276 11.03 4.38 -24.06
N ASN B 277 11.11 4.14 -25.36
CA ASN B 277 12.11 3.24 -25.91
C ASN B 277 13.26 3.96 -26.59
N SER B 278 14.38 3.26 -26.72
CA SER B 278 15.44 3.76 -27.61
C SER B 278 15.22 3.19 -29.00
N GLU B 279 15.73 3.86 -30.02
CA GLU B 279 15.48 3.38 -31.37
C GLU B 279 16.25 2.08 -31.64
N TYR B 280 17.46 1.97 -31.10
CA TYR B 280 18.36 0.92 -31.57
C TYR B 280 18.41 -0.33 -30.67
N PHE B 281 17.66 -0.32 -29.57
CA PHE B 281 17.64 -1.48 -28.69
C PHE B 281 16.53 -2.49 -29.00
N GLN B 282 15.35 -2.00 -29.36
CA GLN B 282 14.17 -2.85 -29.38
C GLN B 282 14.15 -3.87 -30.52
N TYR B 283 13.38 -4.94 -30.30
CA TYR B 283 13.30 -6.04 -31.25
C TYR B 283 11.93 -6.67 -31.05
N PRO B 284 11.39 -7.34 -32.08
CA PRO B 284 10.02 -7.87 -32.03
C PRO B 284 9.66 -8.70 -30.79
N ALA B 285 10.52 -9.63 -30.40
CA ALA B 285 10.19 -10.51 -29.26
C ALA B 285 9.97 -9.70 -27.98
N ASN B 286 10.62 -8.56 -27.89
CA ASN B 286 10.46 -7.69 -26.73
C ASN B 286 9.22 -6.79 -26.86
N ILE B 287 9.07 -6.17 -28.03
CA ILE B 287 7.96 -5.24 -28.30
C ILE B 287 6.61 -5.92 -28.19
N ILE B 288 6.51 -7.17 -28.62
CA ILE B 288 5.22 -7.85 -28.57
C ILE B 288 4.73 -8.01 -27.13
N LYS B 289 5.65 -8.11 -26.17
CA LYS B 289 5.24 -8.18 -24.78
C LYS B 289 4.74 -6.84 -24.27
N MET B 290 5.33 -5.75 -24.75
CA MET B 290 4.80 -4.42 -24.42
C MET B 290 3.39 -4.27 -25.01
N LYS B 291 3.21 -4.76 -26.22
CA LYS B 291 1.91 -4.63 -26.86
C LYS B 291 0.85 -5.48 -26.14
N LYS B 292 1.28 -6.54 -25.46
CA LYS B 292 0.34 -7.34 -24.68
C LYS B 292 -0.23 -6.58 -23.48
N CYS B 293 0.41 -5.49 -23.08
CA CYS B 293 -0.13 -4.67 -22.00
C CYS B 293 -1.32 -3.80 -22.44
N TYR B 294 -1.49 -3.61 -23.76
CA TYR B 294 -2.52 -2.69 -24.28
C TYR B 294 -3.92 -3.23 -24.18
N SER B 295 -4.85 -2.34 -23.83
CA SER B 295 -6.26 -2.67 -23.73
C SER B 295 -7.05 -1.36 -23.81
N PRO B 296 -8.24 -1.37 -24.43
CA PRO B 296 -9.00 -0.11 -24.53
C PRO B 296 -9.39 0.50 -23.19
N ASP B 297 -9.44 -0.31 -22.13
CA ASP B 297 -9.80 0.18 -20.80
C ASP B 297 -8.61 0.69 -19.99
N LYS B 298 -7.41 0.63 -20.59
CA LYS B 298 -6.19 1.04 -19.92
C LYS B 298 -5.42 2.10 -20.70
N GLU B 299 -4.74 2.98 -19.98
CA GLU B 299 -3.87 3.98 -20.62
C GLU B 299 -2.45 3.44 -20.78
N ARG B 300 -2.05 3.23 -22.04
CA ARG B 300 -0.68 2.87 -22.38
C ARG B 300 -0.20 3.79 -23.48
N LYS B 301 0.98 4.35 -23.29
CA LYS B 301 1.57 5.23 -24.30
C LYS B 301 2.95 4.69 -24.57
N MET B 302 3.41 4.92 -25.79
CA MET B 302 4.74 4.49 -26.21
C MET B 302 5.34 5.53 -27.15
N ILE B 303 6.58 5.91 -26.87
CA ILE B 303 7.34 6.72 -27.79
C ILE B 303 8.73 6.10 -27.96
N THR B 304 9.39 6.44 -29.06
CA THR B 304 10.72 5.94 -29.33
C THR B 304 11.61 7.15 -29.61
N ILE B 305 12.76 7.23 -28.94
CA ILE B 305 13.67 8.34 -29.14
C ILE B 305 14.54 8.03 -30.36
N ARG B 306 14.44 8.87 -31.38
CA ARG B 306 15.19 8.68 -32.61
C ARG B 306 16.70 8.71 -32.38
N GLY B 307 17.41 7.74 -32.93
CA GLY B 307 18.87 7.74 -32.89
C GLY B 307 19.48 7.41 -31.53
N SER B 308 18.68 6.93 -30.59
CA SER B 308 19.19 6.57 -29.26
C SER B 308 19.53 5.08 -29.14
N VAL B 309 20.45 4.80 -28.21
CA VAL B 309 20.80 3.45 -27.84
C VAL B 309 20.30 3.16 -26.43
N HIS B 310 20.36 1.89 -26.05
CA HIS B 310 19.88 1.43 -24.76
C HIS B 310 20.46 2.24 -23.59
N GLN B 311 21.72 2.59 -23.69
CA GLN B 311 22.40 3.21 -22.56
C GLN B 311 22.27 4.74 -22.52
N ASN B 312 21.50 5.33 -23.43
CA ASN B 312 21.20 6.76 -23.36
C ASN B 312 20.46 7.14 -22.07
N PHE B 313 19.83 6.16 -21.43
CA PHE B 313 19.06 6.43 -20.23
C PHE B 313 19.91 6.43 -18.98
N ALA B 314 21.14 5.88 -19.08
CA ALA B 314 22.00 5.72 -17.91
C ALA B 314 23.18 6.69 -17.96
N ASP B 315 23.81 6.94 -16.80
CA ASP B 315 24.77 8.05 -16.66
C ASP B 315 26.08 7.88 -17.41
N PHE B 316 26.49 6.66 -17.74
CA PHE B 316 27.73 6.49 -18.49
C PHE B 316 27.62 7.05 -19.91
N THR B 317 26.41 7.37 -20.34
CA THR B 317 26.25 8.07 -21.61
C THR B 317 26.91 9.45 -21.58
N PHE B 318 27.16 9.97 -20.37
CA PHE B 318 27.78 11.28 -20.19
C PHE B 318 29.25 11.22 -19.84
N ALA B 319 29.76 10.01 -19.70
CA ALA B 319 31.07 9.80 -19.08
C ALA B 319 32.23 9.86 -20.06
N THR B 320 31.96 9.82 -21.35
CA THR B 320 33.03 9.82 -22.34
C THR B 320 32.72 10.80 -23.46
N GLY B 321 33.69 11.00 -24.37
CA GLY B 321 33.50 11.83 -25.54
C GLY B 321 32.60 11.17 -26.58
N LYS B 322 32.26 11.90 -27.63
CA LYS B 322 31.33 11.39 -28.62
C LYS B 322 31.92 10.15 -29.30
N ILE B 323 33.20 10.21 -29.63
CA ILE B 323 33.79 9.13 -30.43
C ILE B 323 33.95 7.82 -29.64
N ILE B 324 34.58 7.90 -28.47
CA ILE B 324 34.68 6.73 -27.60
C ILE B 324 33.29 6.21 -27.20
N GLY B 325 32.38 7.13 -26.91
CA GLY B 325 31.04 6.76 -26.47
C GLY B 325 30.30 5.97 -27.52
N HIS B 326 30.36 6.44 -28.76
CA HIS B 326 29.67 5.77 -29.84
C HIS B 326 30.24 4.37 -30.07
N MET B 327 31.56 4.24 -29.97
CA MET B 327 32.22 2.94 -30.14
C MET B 327 31.84 1.95 -29.04
N LEU B 328 31.57 2.48 -27.84
CA LEU B 328 31.21 1.63 -26.72
C LEU B 328 29.69 1.45 -26.60
N LYS B 329 28.95 2.06 -27.53
CA LYS B 329 27.49 2.02 -27.52
C LYS B 329 26.95 2.65 -26.23
N LEU B 330 27.74 3.56 -25.67
CA LEU B 330 27.25 4.40 -24.59
C LEU B 330 26.48 5.58 -25.14
N LYS B 331 26.77 5.97 -26.38
CA LYS B 331 26.11 7.11 -27.01
C LYS B 331 25.47 6.68 -28.32
N GLY B 332 24.36 7.31 -28.69
CA GLY B 332 23.74 7.03 -29.97
C GLY B 332 24.08 8.08 -31.00
N ASP B 333 23.28 8.14 -32.06
CA ASP B 333 23.43 9.19 -33.07
C ASP B 333 23.05 10.54 -32.47
N ILE B 334 21.99 10.52 -31.68
CA ILE B 334 21.47 11.70 -31.02
C ILE B 334 22.40 12.13 -29.88
N ASP B 335 22.43 13.44 -29.62
CA ASP B 335 23.20 13.96 -28.49
C ASP B 335 22.62 13.47 -27.15
N SER B 336 23.50 13.07 -26.21
CA SER B 336 23.01 12.46 -24.97
C SER B 336 22.18 13.42 -24.13
N ASN B 337 22.51 14.71 -24.12
CA ASN B 337 21.70 15.69 -23.41
C ASN B 337 20.33 15.86 -24.06
N VAL B 338 20.30 15.88 -25.39
CA VAL B 338 19.03 15.98 -26.08
C VAL B 338 18.14 14.80 -25.76
N ALA B 339 18.68 13.58 -25.83
CA ALA B 339 17.88 12.39 -25.55
C ALA B 339 17.34 12.38 -24.11
N ILE B 340 18.18 12.74 -23.14
CA ILE B 340 17.73 12.64 -21.75
C ILE B 340 16.68 13.72 -21.46
N ASP B 341 16.82 14.89 -22.08
CA ASP B 341 15.82 15.95 -21.91
C ASP B 341 14.47 15.50 -22.46
N LEU B 342 14.49 14.79 -23.59
CA LEU B 342 13.24 14.31 -24.16
C LEU B 342 12.61 13.31 -23.24
N SER B 343 13.40 12.35 -22.78
CA SER B 343 12.89 11.33 -21.87
C SER B 343 12.35 11.97 -20.59
N ASN B 344 13.08 12.96 -20.06
CA ASN B 344 12.72 13.57 -18.78
C ASN B 344 11.47 14.45 -18.93
N LYS B 345 11.40 15.20 -20.02
CA LYS B 345 10.26 16.08 -20.23
C LYS B 345 8.99 15.28 -20.51
N ALA B 346 9.11 14.21 -21.30
CA ALA B 346 7.96 13.37 -21.59
C ALA B 346 7.46 12.69 -20.30
N SER B 347 8.42 12.27 -19.48
CA SER B 347 8.11 11.64 -18.19
C SER B 347 7.36 12.62 -17.29
N LEU B 348 7.84 13.85 -17.22
CA LEU B 348 7.22 14.88 -16.40
C LEU B 348 5.76 15.13 -16.82
N ALA B 349 5.52 15.25 -18.13
CA ALA B 349 4.17 15.41 -18.67
C ALA B 349 3.27 14.24 -18.29
N PHE B 350 3.78 13.03 -18.44
CA PHE B 350 3.00 11.85 -18.12
C PHE B 350 2.69 11.79 -16.61
N LEU B 351 3.68 12.13 -15.77
CA LEU B 351 3.46 12.13 -14.30
C LEU B 351 2.45 13.20 -13.89
N GLN B 352 2.50 14.38 -14.51
CA GLN B 352 1.53 15.41 -14.18
C GLN B 352 0.11 14.94 -14.49
N LYS B 353 -0.02 14.33 -15.66
CA LYS B 353 -1.30 13.85 -16.17
C LYS B 353 -1.91 12.79 -15.26
N HIS B 354 -1.12 11.81 -14.84
CA HIS B 354 -1.68 10.68 -14.09
C HIS B 354 -1.47 10.73 -12.58
N LEU B 355 -0.65 11.66 -12.09
CA LEU B 355 -0.58 11.86 -10.64
C LEU B 355 -1.41 13.07 -10.24
N GLY B 356 -1.86 13.84 -11.24
CA GLY B 356 -2.65 15.03 -11.00
C GLY B 356 -1.86 16.17 -10.37
N LEU B 357 -0.66 16.42 -10.88
CA LEU B 357 0.19 17.48 -10.34
C LEU B 357 -0.27 18.82 -10.86
N HIS B 358 -0.12 19.85 -10.04
CA HIS B 358 -0.46 21.20 -10.45
C HIS B 358 0.82 21.94 -10.78
N LYS B 359 1.48 21.47 -11.81
CA LYS B 359 2.70 22.08 -12.30
C LYS B 359 2.45 22.47 -13.75
N ASP B 360 3.51 22.82 -14.46
CA ASP B 360 3.38 23.25 -15.85
C ASP B 360 3.98 22.23 -16.82
N PHE B 361 4.02 20.97 -16.39
CA PHE B 361 4.64 19.91 -17.18
C PHE B 361 3.80 19.57 -18.40
N ASP B 362 2.55 20.02 -18.42
CA ASP B 362 1.68 19.70 -19.54
C ASP B 362 2.09 20.48 -20.80
N GLN B 363 3.04 21.40 -20.65
CA GLN B 363 3.66 22.03 -21.82
C GLN B 363 4.37 21.00 -22.70
N TRP B 364 4.71 19.85 -22.13
CA TRP B 364 5.37 18.79 -22.90
C TRP B 364 4.43 17.65 -23.25
N ASP B 365 3.12 17.88 -23.16
CA ASP B 365 2.14 16.84 -23.47
C ASP B 365 2.33 16.27 -24.88
N CYS B 366 2.78 17.10 -25.80
CA CYS B 366 3.01 16.66 -27.17
C CYS B 366 4.09 15.58 -27.24
N LEU B 367 5.01 15.60 -26.29
CA LEU B 367 6.07 14.59 -26.27
C LEU B 367 5.51 13.20 -25.96
N ILE B 368 4.42 13.13 -25.21
CA ILE B 368 3.81 11.84 -24.90
C ILE B 368 3.24 11.23 -26.17
N GLU B 369 2.83 12.09 -27.11
CA GLU B 369 2.30 11.63 -28.39
C GLU B 369 3.41 11.37 -29.40
N GLY B 370 4.65 11.59 -28.99
CA GLY B 370 5.78 11.42 -29.89
C GLY B 370 5.89 12.52 -30.94
N ASP B 371 5.30 13.69 -30.63
CA ASP B 371 5.33 14.81 -31.56
C ASP B 371 6.57 15.70 -31.37
N ASP B 372 7.67 15.30 -31.98
CA ASP B 372 8.95 16.01 -31.91
C ASP B 372 9.83 15.46 -33.02
N GLU B 373 10.77 16.26 -33.52
CA GLU B 373 11.61 15.83 -34.62
C GLU B 373 12.46 14.61 -34.24
N ASN B 374 12.69 14.44 -32.94
CA ASN B 374 13.58 13.41 -32.38
C ASN B 374 12.81 12.26 -31.72
N LEU B 375 11.51 12.25 -31.93
CA LEU B 375 10.65 11.20 -31.39
C LEU B 375 9.87 10.48 -32.50
N ILE B 376 9.57 9.21 -32.23
CA ILE B 376 8.72 8.37 -33.06
C ILE B 376 7.55 8.02 -32.15
N PRO B 377 6.33 8.34 -32.57
CA PRO B 377 5.18 7.82 -31.81
C PRO B 377 5.14 6.31 -31.92
N GLY B 378 4.84 5.59 -30.83
CA GLY B 378 4.80 4.15 -30.91
C GLY B 378 6.20 3.61 -31.08
N THR B 379 6.38 2.69 -32.01
CA THR B 379 7.66 2.03 -32.21
C THR B 379 7.95 1.79 -33.68
N ASN B 380 9.23 1.70 -34.02
CA ASN B 380 9.62 1.31 -35.38
C ASN B 380 9.35 -0.17 -35.62
N ILE B 381 9.23 -0.95 -34.54
CA ILE B 381 8.94 -2.38 -34.72
C ILE B 381 7.43 -2.62 -34.86
N ASN B 382 6.99 -2.90 -36.07
CA ASN B 382 5.61 -3.33 -36.30
C ASN B 382 5.48 -4.84 -36.08
N THR B 383 4.49 -5.27 -35.31
CA THR B 383 4.29 -6.69 -35.03
C THR B 383 2.82 -7.10 -35.04
C4 8U6 C . -25.25 -7.33 27.10
C14 8U6 C . -18.96 -5.31 21.93
C5 8U6 C . -24.34 -7.58 26.04
C6 8U6 C . -24.22 -8.90 25.53
C11 8U6 C . -20.75 -7.32 22.61
C7 8U6 C . -23.56 -6.56 25.46
C8 8U6 C . -22.70 -6.82 24.44
C9 8U6 C . -22.58 -8.12 23.94
C10 8U6 C . -23.31 -9.15 24.47
C12 8U6 C . -19.62 -7.10 23.39
C13 8U6 C . -18.74 -6.10 23.06
N1 8U6 C . -22.97 -7.01 19.93
N2 8U6 C . -18.05 -4.27 21.58
C3 8U6 C . -25.99 -8.34 27.63
N3 8U6 C . -19.27 -1.11 27.20
C1 8U6 C . -25.00 -9.92 26.11
C2 8U6 C . -25.87 -9.64 27.13
O1 8U6 C . -21.68 -8.32 22.90
C15 8U6 C . -20.08 -5.51 21.15
C16 8U6 C . -20.99 -6.52 21.48
C17 8U6 C . -22.12 -6.76 20.64
S1 8U6 C . -18.51 -2.71 21.53
C18 8U6 C . -18.69 -2.22 23.20
C19 8U6 C . -17.66 -1.60 23.88
C20 8U6 C . -17.83 -1.21 25.19
C21 8U6 C . -19.03 -1.47 25.85
C22 8U6 C . -20.06 -2.10 25.17
C23 8U6 C . -19.90 -2.47 23.85
O2 8U6 C . -17.41 -1.96 20.98
O3 8U6 C . -19.78 -2.65 20.89
C24 8U6 C . -18.43 -0.62 28.12
C25 8U6 C . -19.06 -0.24 29.43
O4 8U6 C . -17.22 -0.48 27.94
S SO4 D . -24.38 4.53 25.16
O1 SO4 D . -24.45 4.79 23.73
O2 SO4 D . -25.06 5.59 25.89
O3 SO4 D . -22.96 4.49 25.53
O4 SO4 D . -25.03 3.26 25.48
S SO4 E . -18.31 -25.80 21.29
O1 SO4 E . -19.42 -25.01 21.81
O2 SO4 E . -18.81 -26.62 20.19
O3 SO4 E . -17.74 -26.65 22.33
O4 SO4 E . -17.28 -24.90 20.77
S SO4 F . -0.73 13.16 5.06
O1 SO4 F . -0.36 13.20 3.64
O2 SO4 F . -2.15 12.85 5.19
O3 SO4 F . 0.08 12.15 5.73
O4 SO4 F . -0.48 14.46 5.68
C4 8U6 G . 31.62 0.58 -20.44
C14 8U6 G . 23.93 -0.79 -16.91
C5 8U6 G . 30.61 0.70 -19.45
C6 8U6 G . 29.27 0.35 -19.80
C11 8U6 G . 26.41 0.41 -16.66
C7 8U6 G . 30.87 1.17 -18.15
C8 8U6 G . 29.89 1.28 -17.22
C9 8U6 G . 28.58 0.94 -17.56
C10 8U6 G . 28.25 0.48 -18.80
C12 8U6 G . 26.29 -0.97 -16.55
C13 8U6 G . 25.05 -1.55 -16.68
N1 8U6 G . 25.51 3.77 -17.01
N2 8U6 G . 22.66 -1.40 -17.04
C3 8U6 G . 31.32 0.13 -21.69
N3 8U6 G . 24.23 -5.51 -21.94
C1 8U6 G . 29.01 -0.12 -21.10
C2 8U6 G . 30.00 -0.23 -22.02
O1 8U6 G . 27.64 1.08 -16.54
C15 8U6 G . 24.04 0.59 -17.01
C16 8U6 G . 25.29 1.20 -16.89
C17 8U6 G . 25.41 2.62 -16.97
S1 8U6 G . 21.78 -1.38 -18.41
C18 8U6 G . 22.53 -2.56 -19.48
C19 8U6 G . 22.11 -3.88 -19.45
C20 8U6 G . 22.69 -4.81 -20.27
C21 8U6 G . 23.71 -4.45 -21.14
C22 8U6 G . 24.15 -3.13 -21.16
C23 8U6 G . 23.56 -2.19 -20.34
O2 8U6 G . 20.48 -1.89 -18.07
O3 8U6 G . 21.89 -0.09 -19.00
C24 8U6 G . 24.55 -5.55 -23.25
C25 8U6 G . 24.07 -4.41 -24.10
O4 8U6 G . 25.15 -6.51 -23.75
#